data_3WTI
#
_entry.id   3WTI
#
_cell.length_a   74.145
_cell.length_b   74.145
_cell.length_c   351.612
_cell.angle_alpha   90.00
_cell.angle_beta   90.00
_cell.angle_gamma   120.00
#
_symmetry.space_group_name_H-M   'P 65'
#
loop_
_entity.id
_entity.type
_entity.pdbx_description
1 polymer 'Acetylcholine-binding protein'
2 non-polymer 1-[(2-chloro-1,3-thiazol-5-yl)methyl]-3-methyl-2-nitroguanidine
3 water water
#
_entity_poly.entity_id   1
_entity_poly.type   'polypeptide(L)'
_entity_poly.pdbx_seq_one_letter_code
;EAEAADRADILYNIRQTSRPDVIPTQRDRPVAVSVSLKFINILEVNEITNEVDVVFWQRTTWSDRTLAWDSSHSPDQVSV
PISSLWVPDLAAYNAISKPEVLTPQLARVVSDGEVLYMPSIRQRFSCDVSGVDTESGATCRIKIGSWTHHSREISVDPTT
ENSDDSEYFSQYSRFEILDVTQKKNSVTYSCCPEAYEDVEVSLNFRKKGRSEIL
;
_entity_poly.pdbx_strand_id   A,B,C,D,E
#
loop_
_chem_comp.id
_chem_comp.type
_chem_comp.name
_chem_comp.formula
CT4 non-polymer 1-[(2-chloro-1,3-thiazol-5-yl)methyl]-3-methyl-2-nitroguanidine 'C6 H8 Cl N5 O2 S'
#
# COMPACT_ATOMS: atom_id res chain seq x y z
N ALA A 5 12.91 -36.91 10.54
CA ALA A 5 12.40 -35.52 10.39
C ALA A 5 12.46 -35.02 8.94
N ASP A 6 11.66 -34.00 8.65
CA ASP A 6 11.57 -33.42 7.31
C ASP A 6 11.29 -31.90 7.38
N ARG A 7 11.16 -31.25 6.23
CA ARG A 7 11.00 -29.79 6.20
C ARG A 7 9.72 -29.31 6.91
N ALA A 8 8.64 -30.07 6.79
CA ALA A 8 7.39 -29.76 7.50
C ALA A 8 7.62 -29.69 9.00
N ASP A 9 8.40 -30.63 9.52
CA ASP A 9 8.67 -30.70 10.94
C ASP A 9 9.58 -29.57 11.40
N ILE A 10 10.56 -29.20 10.57
CA ILE A 10 11.48 -28.12 10.92
C ILE A 10 10.69 -26.82 11.10
N LEU A 11 9.87 -26.50 10.10
CA LEU A 11 9.05 -25.29 10.13
C LEU A 11 8.05 -25.32 11.27
N TYR A 12 7.44 -26.48 11.49
CA TYR A 12 6.54 -26.67 12.63
C TYR A 12 7.26 -26.36 13.94
N ASN A 13 8.46 -26.91 14.10
CA ASN A 13 9.26 -26.68 15.30
C ASN A 13 9.60 -25.21 15.52
N ILE A 14 9.87 -24.50 14.42
CA ILE A 14 10.21 -23.08 14.47
C ILE A 14 9.02 -22.27 14.99
N ARG A 15 7.81 -22.63 14.56
CA ARG A 15 6.60 -21.96 15.05
C ARG A 15 6.47 -22.08 16.58
N GLN A 16 6.79 -23.25 17.12
CA GLN A 16 6.67 -23.51 18.56
C GLN A 16 7.69 -22.74 19.38
N THR A 17 8.89 -22.57 18.84
CA THR A 17 10.00 -21.99 19.61
C THR A 17 10.30 -20.51 19.32
N SER A 18 10.05 -20.07 18.09
CA SER A 18 10.40 -18.70 17.68
C SER A 18 9.51 -17.64 18.32
N ARG A 19 10.15 -16.59 18.83
CA ARG A 19 9.43 -15.42 19.31
C ARG A 19 9.93 -14.19 18.55
N PRO A 20 9.26 -13.84 17.43
CA PRO A 20 9.62 -12.70 16.57
C PRO A 20 9.73 -11.35 17.25
N ASP A 21 9.03 -11.16 18.37
CA ASP A 21 9.01 -9.88 19.06
C ASP A 21 9.94 -9.88 20.27
N VAL A 22 10.72 -10.93 20.45
CA VAL A 22 11.64 -11.03 21.57
C VAL A 22 13.03 -11.29 21.04
N ILE A 23 13.94 -10.36 21.33
CA ILE A 23 15.36 -10.48 20.98
C ILE A 23 15.97 -11.76 21.57
N PRO A 24 16.55 -12.63 20.71
CA PRO A 24 17.03 -13.93 21.16
C PRO A 24 18.40 -13.87 21.84
N THR A 25 18.47 -13.13 22.95
CA THR A 25 19.71 -12.97 23.69
C THR A 25 20.00 -14.24 24.48
N GLN A 26 20.99 -14.99 24.01
CA GLN A 26 21.53 -16.12 24.76
C GLN A 26 22.16 -15.55 26.04
N ARG A 27 21.62 -15.94 27.18
CA ARG A 27 22.05 -15.39 28.48
C ARG A 27 21.93 -13.85 28.48
N ASP A 28 22.90 -13.14 29.06
CA ASP A 28 22.89 -11.68 29.09
C ASP A 28 24.02 -11.07 28.25
N ARG A 29 24.15 -11.54 27.02
CA ARG A 29 25.14 -11.01 26.08
C ARG A 29 24.37 -10.54 24.84
N PRO A 30 24.98 -9.66 24.04
CA PRO A 30 24.26 -9.09 22.92
C PRO A 30 24.17 -10.07 21.75
N VAL A 31 23.19 -9.87 20.89
CA VAL A 31 23.05 -10.65 19.67
C VAL A 31 23.93 -10.03 18.60
N ALA A 32 24.97 -10.74 18.18
CA ALA A 32 25.91 -10.24 17.19
C ALA A 32 25.34 -10.34 15.77
N VAL A 33 24.91 -9.20 15.22
CA VAL A 33 24.39 -9.13 13.86
C VAL A 33 25.45 -8.64 12.89
N SER A 34 25.83 -9.50 11.95
CA SER A 34 26.76 -9.14 10.88
C SER A 34 26.00 -8.55 9.70
N VAL A 35 26.31 -7.29 9.37
CA VAL A 35 25.64 -6.57 8.27
C VAL A 35 26.63 -6.32 7.13
N SER A 36 26.14 -6.37 5.90
CA SER A 36 27.01 -6.31 4.73
C SER A 36 26.20 -6.05 3.46
N LEU A 37 26.35 -4.86 2.89
CA LEU A 37 25.61 -4.50 1.67
C LEU A 37 26.46 -4.81 0.45
N LYS A 38 25.80 -5.30 -0.59
CA LYS A 38 26.44 -5.56 -1.88
C LYS A 38 25.71 -4.75 -2.93
N PHE A 39 26.39 -3.74 -3.48
CA PHE A 39 25.74 -2.78 -4.36
C PHE A 39 25.46 -3.34 -5.74
N ILE A 40 24.19 -3.22 -6.14
CA ILE A 40 23.71 -3.79 -7.38
C ILE A 40 23.54 -2.73 -8.46
N ASN A 41 23.13 -1.53 -8.04
CA ASN A 41 22.84 -0.47 -8.99
C ASN A 41 22.71 0.89 -8.33
N ILE A 42 22.99 1.92 -9.11
CA ILE A 42 22.80 3.31 -8.71
C ILE A 42 21.93 3.97 -9.77
N LEU A 43 20.66 4.19 -9.44
CA LEU A 43 19.66 4.59 -10.43
C LEU A 43 19.57 6.10 -10.66
N GLU A 44 19.29 6.85 -9.61
CA GLU A 44 19.10 8.29 -9.69
C GLU A 44 20.11 8.94 -8.77
N VAL A 45 20.68 10.06 -9.21
CA VAL A 45 21.65 10.81 -8.41
C VAL A 45 21.41 12.29 -8.66
N ASN A 46 21.62 13.11 -7.63
CA ASN A 46 21.38 14.53 -7.74
C ASN A 46 22.54 15.32 -7.16
N GLU A 47 23.21 16.06 -8.04
CA GLU A 47 24.42 16.81 -7.68
C GLU A 47 24.11 17.99 -6.77
N ILE A 48 22.91 18.54 -6.91
CA ILE A 48 22.48 19.72 -6.16
C ILE A 48 21.91 19.32 -4.80
N THR A 49 20.94 18.41 -4.80
CA THR A 49 20.23 18.03 -3.57
C THR A 49 21.01 17.05 -2.70
N ASN A 50 22.14 16.52 -3.21
CA ASN A 50 22.97 15.55 -2.48
C ASN A 50 22.15 14.35 -2.03
N GLU A 51 21.52 13.70 -3.01
CA GLU A 51 20.71 12.51 -2.78
C GLU A 51 21.04 11.47 -3.83
N VAL A 52 21.04 10.20 -3.41
CA VAL A 52 21.24 9.08 -4.33
C VAL A 52 20.16 8.02 -4.11
N ASP A 53 19.63 7.49 -5.21
CA ASP A 53 18.71 6.36 -5.19
C ASP A 53 19.51 5.12 -5.60
N VAL A 54 19.52 4.12 -4.73
CA VAL A 54 20.43 2.98 -4.83
C VAL A 54 19.72 1.63 -4.67
N VAL A 55 20.23 0.60 -5.34
CA VAL A 55 19.72 -0.75 -5.14
C VAL A 55 20.86 -1.61 -4.59
N PHE A 56 20.56 -2.37 -3.54
CA PHE A 56 21.60 -3.12 -2.84
C PHE A 56 21.04 -4.34 -2.13
N TRP A 57 21.88 -5.34 -1.97
CA TRP A 57 21.54 -6.52 -1.19
C TRP A 57 22.12 -6.36 0.20
N GLN A 58 21.26 -6.39 1.21
CA GLN A 58 21.69 -6.21 2.59
C GLN A 58 21.86 -7.57 3.28
N ARG A 59 23.05 -8.17 3.11
CA ARG A 59 23.35 -9.45 3.74
C ARG A 59 23.37 -9.28 5.25
N THR A 60 22.50 -10.02 5.94
CA THR A 60 22.35 -9.93 7.39
C THR A 60 22.48 -11.31 8.02
N THR A 61 23.13 -11.35 9.18
CA THR A 61 23.55 -12.61 9.76
C THR A 61 23.53 -12.50 11.29
N TRP A 62 22.66 -13.29 11.91
CA TRP A 62 22.65 -13.39 13.36
C TRP A 62 22.36 -14.83 13.78
N SER A 63 22.42 -15.07 15.08
CA SER A 63 22.25 -16.40 15.64
C SER A 63 21.07 -16.43 16.60
N ASP A 64 20.21 -17.43 16.45
CA ASP A 64 19.07 -17.66 17.36
C ASP A 64 18.97 -19.16 17.66
N ARG A 65 19.49 -19.56 18.82
CA ARG A 65 19.68 -20.98 19.14
C ARG A 65 18.38 -21.70 19.49
N THR A 66 17.33 -20.96 19.84
CA THR A 66 16.02 -21.57 20.13
C THR A 66 15.50 -22.33 18.91
N LEU A 67 15.85 -21.85 17.71
CA LEU A 67 15.35 -22.45 16.47
C LEU A 67 16.14 -23.68 16.02
N ALA A 68 17.11 -24.13 16.79
CA ALA A 68 17.98 -25.24 16.35
C ALA A 68 17.26 -26.60 16.27
N TRP A 69 17.86 -27.51 15.50
CA TRP A 69 17.36 -28.89 15.40
C TRP A 69 18.45 -29.86 14.98
N ASP A 70 18.21 -31.15 15.19
CA ASP A 70 19.13 -32.19 14.80
C ASP A 70 18.97 -32.47 13.30
N SER A 71 19.98 -32.12 12.52
CA SER A 71 19.99 -32.38 11.08
C SER A 71 20.84 -33.61 10.73
N SER A 72 20.73 -34.66 11.55
CA SER A 72 21.43 -35.91 11.31
C SER A 72 20.84 -36.62 10.11
N HIS A 73 19.51 -36.71 10.08
CA HIS A 73 18.78 -37.37 9.00
C HIS A 73 17.62 -36.49 8.55
N SER A 74 17.93 -35.22 8.32
CA SER A 74 16.98 -34.25 7.81
C SER A 74 17.77 -33.03 7.35
N PRO A 75 17.18 -32.21 6.46
CA PRO A 75 17.88 -31.04 5.93
C PRO A 75 18.42 -30.12 7.02
N ASP A 76 19.55 -29.47 6.74
CA ASP A 76 20.15 -28.57 7.71
C ASP A 76 19.89 -27.11 7.37
N GLN A 77 19.08 -26.87 6.34
CA GLN A 77 18.64 -25.53 6.00
C GLN A 77 17.20 -25.49 5.50
N VAL A 78 16.48 -24.43 5.86
CA VAL A 78 15.15 -24.16 5.31
C VAL A 78 14.95 -22.67 5.10
N SER A 79 14.10 -22.33 4.14
CA SER A 79 13.66 -20.96 3.96
C SER A 79 12.44 -20.74 4.84
N VAL A 80 12.42 -19.64 5.59
CA VAL A 80 11.33 -19.30 6.51
C VAL A 80 10.94 -17.83 6.34
N PRO A 81 9.63 -17.53 6.26
CA PRO A 81 9.20 -16.14 6.23
C PRO A 81 9.71 -15.34 7.43
N ILE A 82 10.15 -14.13 7.19
CA ILE A 82 10.66 -13.29 8.28
C ILE A 82 9.59 -12.97 9.32
N SER A 83 8.32 -13.10 8.95
CA SER A 83 7.21 -12.92 9.89
C SER A 83 7.15 -14.02 10.96
N SER A 84 7.79 -15.16 10.72
CA SER A 84 7.91 -16.23 11.71
C SER A 84 9.21 -16.19 12.54
N LEU A 85 10.02 -15.16 12.32
CA LEU A 85 11.34 -15.06 12.96
C LEU A 85 11.51 -13.71 13.62
N TRP A 86 12.34 -13.65 14.66
CA TRP A 86 12.85 -12.37 15.12
C TRP A 86 13.86 -11.88 14.11
N VAL A 87 13.75 -10.61 13.73
CA VAL A 87 14.67 -9.99 12.79
C VAL A 87 15.17 -8.69 13.41
N PRO A 88 16.46 -8.35 13.20
CA PRO A 88 16.97 -7.13 13.84
C PRO A 88 16.32 -5.86 13.30
N ASP A 89 16.06 -4.90 14.20
CA ASP A 89 15.44 -3.64 13.84
C ASP A 89 16.48 -2.67 13.25
N LEU A 90 17.13 -3.09 12.18
CA LEU A 90 18.12 -2.27 11.51
C LEU A 90 17.41 -1.17 10.75
N ALA A 91 17.95 0.03 10.84
CA ALA A 91 17.49 1.17 10.06
C ALA A 91 18.72 1.89 9.50
N ALA A 92 18.54 2.55 8.36
CA ALA A 92 19.58 3.41 7.79
C ALA A 92 19.35 4.84 8.26
N TYR A 93 20.29 5.38 9.01
CA TYR A 93 20.09 6.66 9.68
C TYR A 93 19.95 7.88 8.76
N ASN A 94 20.38 7.75 7.51
CA ASN A 94 20.32 8.86 6.56
C ASN A 94 19.42 8.59 5.37
N ALA A 95 18.59 7.55 5.47
CA ALA A 95 17.64 7.24 4.43
C ALA A 95 16.56 8.32 4.42
N ILE A 96 16.06 8.66 3.23
CA ILE A 96 15.00 9.65 3.11
C ILE A 96 13.80 9.06 2.37
N SER A 97 13.73 7.74 2.36
CA SER A 97 12.57 7.01 1.81
C SER A 97 12.44 5.66 2.53
N LYS A 98 11.22 5.14 2.60
CA LYS A 98 11.01 3.77 3.10
C LYS A 98 11.80 2.81 2.24
N PRO A 99 12.45 1.82 2.89
CA PRO A 99 13.21 0.82 2.13
C PRO A 99 12.27 -0.03 1.29
N GLU A 100 12.45 -0.01 -0.02
CA GLU A 100 11.62 -0.79 -0.92
C GLU A 100 12.25 -2.18 -1.10
N VAL A 101 11.70 -3.18 -0.41
CA VAL A 101 12.18 -4.56 -0.50
C VAL A 101 11.66 -5.20 -1.77
N LEU A 102 12.56 -5.59 -2.65
CA LEU A 102 12.19 -6.05 -3.97
C LEU A 102 12.05 -7.57 -4.08
N THR A 103 12.55 -8.30 -3.09
CA THR A 103 12.61 -9.75 -3.14
C THR A 103 11.72 -10.41 -2.10
N PRO A 104 11.38 -11.70 -2.31
CA PRO A 104 10.60 -12.51 -1.37
C PRO A 104 11.11 -12.46 0.07
N GLN A 105 10.26 -12.05 1.00
CA GLN A 105 10.68 -11.80 2.37
C GLN A 105 10.83 -13.10 3.18
N LEU A 106 11.86 -13.87 2.81
CA LEU A 106 12.15 -15.17 3.41
C LEU A 106 13.57 -15.16 3.92
N ALA A 107 13.77 -15.64 5.14
CA ALA A 107 15.11 -15.82 5.66
C ALA A 107 15.52 -17.27 5.49
N ARG A 108 16.81 -17.50 5.55
CA ARG A 108 17.36 -18.84 5.49
C ARG A 108 17.80 -19.18 6.92
N VAL A 109 17.42 -20.36 7.39
CA VAL A 109 17.77 -20.79 8.75
C VAL A 109 18.56 -22.08 8.67
N VAL A 110 19.64 -22.16 9.44
CA VAL A 110 20.50 -23.35 9.46
C VAL A 110 20.21 -24.17 10.71
N SER A 111 20.50 -25.47 10.66
CA SER A 111 20.26 -26.37 11.78
C SER A 111 20.85 -25.87 13.10
N ASP A 112 21.95 -25.12 13.02
CA ASP A 112 22.64 -24.61 14.20
C ASP A 112 22.09 -23.28 14.71
N GLY A 113 20.99 -22.80 14.11
CA GLY A 113 20.31 -21.59 14.57
C GLY A 113 20.69 -20.31 13.83
N GLU A 114 21.83 -20.32 13.14
CA GLU A 114 22.33 -19.12 12.49
C GLU A 114 21.37 -18.73 11.36
N VAL A 115 20.88 -17.50 11.40
CA VAL A 115 19.92 -17.02 10.40
C VAL A 115 20.66 -16.17 9.35
N LEU A 116 20.19 -16.25 8.11
CA LEU A 116 20.71 -15.45 7.00
C LEU A 116 19.54 -14.80 6.27
N TYR A 117 19.51 -13.47 6.26
CA TYR A 117 18.47 -12.72 5.53
C TYR A 117 19.14 -11.67 4.66
N MET A 118 18.84 -11.70 3.37
CA MET A 118 19.44 -10.79 2.39
C MET A 118 18.40 -10.27 1.41
N PRO A 119 17.66 -9.22 1.80
CA PRO A 119 16.73 -8.60 0.87
C PRO A 119 17.44 -7.66 -0.08
N SER A 120 17.01 -7.64 -1.34
CA SER A 120 17.38 -6.60 -2.27
C SER A 120 16.48 -5.40 -2.00
N ILE A 121 17.11 -4.26 -1.73
CA ILE A 121 16.39 -3.06 -1.32
C ILE A 121 16.73 -1.89 -2.23
N ARG A 122 15.69 -1.27 -2.79
CA ARG A 122 15.79 0.05 -3.36
C ARG A 122 15.46 1.07 -2.29
N GLN A 123 16.34 2.06 -2.12
CA GLN A 123 16.15 3.08 -1.10
C GLN A 123 16.91 4.35 -1.46
N ARG A 124 16.33 5.49 -1.09
CA ARG A 124 16.92 6.80 -1.38
C ARG A 124 17.61 7.32 -0.13
N PHE A 125 18.83 7.84 -0.28
CA PHE A 125 19.62 8.34 0.85
C PHE A 125 20.06 9.79 0.68
N SER A 126 20.42 10.41 1.81
CA SER A 126 21.00 11.75 1.84
C SER A 126 22.47 11.63 2.18
N CYS A 127 23.34 11.95 1.22
CA CYS A 127 24.78 11.79 1.39
C CYS A 127 25.57 12.65 0.40
N ASP A 128 26.90 12.63 0.53
CA ASP A 128 27.77 13.55 -0.19
C ASP A 128 27.99 13.16 -1.64
N VAL A 129 27.18 13.74 -2.52
CA VAL A 129 27.27 13.48 -3.97
C VAL A 129 28.40 14.29 -4.62
N SER A 130 28.99 15.23 -3.90
CA SER A 130 29.99 16.11 -4.49
C SER A 130 31.16 15.28 -5.03
N GLY A 131 31.60 15.63 -6.24
CA GLY A 131 32.67 14.91 -6.93
C GLY A 131 32.21 13.81 -7.86
N VAL A 132 30.91 13.58 -7.98
CA VAL A 132 30.41 12.41 -8.72
C VAL A 132 30.74 12.45 -10.22
N ASP A 133 30.95 13.65 -10.76
CA ASP A 133 31.22 13.82 -12.18
C ASP A 133 32.72 13.96 -12.46
N THR A 134 33.53 13.98 -11.40
CA THR A 134 35.00 13.95 -11.52
C THR A 134 35.45 12.51 -11.58
N GLU A 135 36.74 12.28 -11.75
CA GLU A 135 37.24 10.90 -11.85
C GLU A 135 37.68 10.27 -10.53
N SER A 136 37.86 11.06 -9.48
CA SER A 136 38.06 10.52 -8.13
C SER A 136 36.71 10.23 -7.48
N GLY A 137 35.64 10.79 -8.03
CA GLY A 137 34.29 10.40 -7.70
C GLY A 137 33.78 10.98 -6.40
N ALA A 138 32.52 10.67 -6.09
CA ALA A 138 31.90 11.09 -4.84
C ALA A 138 31.96 9.94 -3.86
N THR A 139 31.87 10.26 -2.57
CA THR A 139 31.82 9.25 -1.53
C THR A 139 30.51 9.37 -0.75
N CYS A 140 29.56 8.48 -1.04
CA CYS A 140 28.27 8.46 -0.32
C CYS A 140 28.34 7.50 0.85
N ARG A 141 28.27 8.04 2.07
CA ARG A 141 28.37 7.25 3.30
C ARG A 141 26.97 6.92 3.84
N ILE A 142 26.70 5.64 4.05
CA ILE A 142 25.42 5.19 4.59
C ILE A 142 25.64 4.52 5.96
N LYS A 143 24.85 4.94 6.94
CA LYS A 143 25.00 4.47 8.32
C LYS A 143 23.84 3.58 8.67
N ILE A 144 24.11 2.30 8.96
CA ILE A 144 23.05 1.33 9.24
C ILE A 144 23.26 0.64 10.59
N GLY A 145 22.29 0.82 11.48
CA GLY A 145 22.34 0.27 12.83
C GLY A 145 20.96 0.06 13.44
N SER A 146 20.92 -0.51 14.64
CA SER A 146 19.66 -0.86 15.30
C SER A 146 18.93 0.40 15.74
N TRP A 147 17.65 0.48 15.38
CA TRP A 147 16.87 1.65 15.73
C TRP A 147 16.61 1.79 17.23
N THR A 148 16.38 0.67 17.93
CA THR A 148 15.99 0.73 19.35
C THR A 148 16.91 -0.01 20.35
N HIS A 149 17.69 -0.99 19.88
CA HIS A 149 18.58 -1.75 20.77
C HIS A 149 20.00 -1.19 20.76
N HIS A 150 20.62 -1.14 21.93
CA HIS A 150 21.95 -0.56 22.10
C HIS A 150 23.03 -1.63 22.31
N SER A 151 24.28 -1.18 22.48
CA SER A 151 25.45 -2.06 22.69
C SER A 151 25.19 -3.36 23.43
N ARG A 152 24.70 -3.24 24.67
CA ARG A 152 24.49 -4.42 25.53
C ARG A 152 23.44 -5.38 24.94
N GLU A 153 22.49 -4.85 24.17
CA GLU A 153 21.40 -5.66 23.57
C GLU A 153 21.74 -6.21 22.18
N ILE A 154 22.10 -5.33 21.25
CA ILE A 154 22.55 -5.75 19.91
C ILE A 154 23.90 -5.12 19.59
N SER A 155 24.76 -5.88 18.93
CA SER A 155 26.00 -5.36 18.39
C SER A 155 26.01 -5.62 16.90
N VAL A 156 26.54 -4.68 16.12
CA VAL A 156 26.59 -4.81 14.66
C VAL A 156 28.01 -4.70 14.14
N ASP A 157 28.37 -5.61 13.24
CA ASP A 157 29.68 -5.63 12.58
C ASP A 157 29.52 -5.86 11.09
N PRO A 158 30.55 -5.47 10.30
CA PRO A 158 30.58 -5.84 8.89
C PRO A 158 31.29 -7.18 8.68
N THR A 159 31.01 -7.82 7.54
CA THR A 159 31.61 -9.12 7.22
C THR A 159 33.14 -9.06 7.08
N THR A 160 33.68 -7.85 6.84
CA THR A 160 35.14 -7.61 6.67
C THR A 160 35.82 -8.58 5.70
N GLU A 161 35.07 -8.99 4.67
CA GLU A 161 35.57 -9.89 3.64
C GLU A 161 35.91 -9.03 2.42
N ASN A 162 37.16 -8.62 2.34
CA ASN A 162 37.64 -7.76 1.25
C ASN A 162 37.73 -8.52 -0.08
N SER A 163 36.99 -8.03 -1.07
CA SER A 163 36.92 -8.68 -2.38
C SER A 163 36.33 -7.74 -3.45
N ASP A 164 35.55 -8.29 -4.38
CA ASP A 164 35.08 -7.57 -5.55
C ASP A 164 33.93 -6.64 -5.17
N ASP A 165 34.21 -5.34 -5.17
CA ASP A 165 33.22 -4.32 -4.79
C ASP A 165 32.09 -4.17 -5.80
N SER A 166 32.40 -4.37 -7.09
CA SER A 166 31.41 -4.30 -8.15
C SER A 166 31.14 -5.67 -8.79
N GLU A 167 31.11 -6.71 -7.96
CA GLU A 167 30.88 -8.06 -8.46
C GLU A 167 29.49 -8.17 -9.06
N TYR A 168 28.48 -7.75 -8.30
CA TYR A 168 27.09 -7.90 -8.69
C TYR A 168 26.48 -6.58 -9.16
N PHE A 169 27.34 -5.60 -9.42
CA PHE A 169 26.88 -4.28 -9.80
C PHE A 169 26.49 -4.28 -11.28
N SER A 170 25.39 -3.60 -11.60
CA SER A 170 24.88 -3.59 -12.97
C SER A 170 25.84 -2.87 -13.91
N GLN A 171 26.22 -3.56 -14.98
CA GLN A 171 27.03 -2.96 -16.05
C GLN A 171 26.27 -1.90 -16.84
N TYR A 172 24.94 -1.86 -16.69
CA TYR A 172 24.10 -0.92 -17.43
C TYR A 172 23.76 0.33 -16.62
N SER A 173 24.28 0.42 -15.41
CA SER A 173 24.19 1.65 -14.64
C SER A 173 24.91 2.79 -15.37
N ARG A 174 24.52 4.02 -15.07
CA ARG A 174 25.22 5.20 -15.57
C ARG A 174 26.46 5.48 -14.74
N PHE A 175 26.58 4.80 -13.59
CA PHE A 175 27.72 4.98 -12.70
C PHE A 175 28.50 3.68 -12.55
N GLU A 176 29.69 3.80 -11.95
CA GLU A 176 30.52 2.66 -11.64
C GLU A 176 31.12 2.84 -10.25
N ILE A 177 31.45 1.72 -9.63
CA ILE A 177 31.98 1.71 -8.28
C ILE A 177 33.50 1.67 -8.29
N LEU A 178 34.10 2.52 -7.47
CA LEU A 178 35.55 2.58 -7.33
C LEU A 178 35.99 1.78 -6.11
N ASP A 179 35.36 2.06 -4.97
CA ASP A 179 35.67 1.34 -3.74
C ASP A 179 34.44 1.32 -2.84
N VAL A 180 34.39 0.31 -1.98
CA VAL A 180 33.43 0.25 -0.90
C VAL A 180 34.18 -0.21 0.36
N THR A 181 34.15 0.62 1.41
CA THR A 181 34.68 0.23 2.71
C THR A 181 33.52 0.20 3.71
N GLN A 182 33.57 -0.75 4.64
CA GLN A 182 32.51 -0.96 5.61
C GLN A 182 33.10 -0.99 7.01
N LYS A 183 32.79 0.04 7.80
CA LYS A 183 33.48 0.31 9.05
C LYS A 183 32.53 0.29 10.24
N LYS A 184 32.96 -0.31 11.35
CA LYS A 184 32.20 -0.29 12.58
C LYS A 184 32.27 1.09 13.24
N ASN A 185 31.19 1.47 13.91
CA ASN A 185 31.08 2.79 14.52
C ASN A 185 30.10 2.74 15.69
N SER A 186 30.39 3.53 16.74
CA SER A 186 29.66 3.46 18.00
C SER A 186 28.94 4.77 18.35
N VAL A 187 27.91 5.11 17.57
CA VAL A 187 27.19 6.39 17.70
C VAL A 187 26.39 6.49 19.00
N THR A 188 26.35 7.70 19.57
CA THR A 188 25.70 7.97 20.85
C THR A 188 24.84 9.23 20.72
N TYR A 189 23.82 9.36 21.56
CA TYR A 189 22.87 10.46 21.46
C TYR A 189 22.84 11.34 22.71
N SER A 190 22.45 12.60 22.50
CA SER A 190 22.64 13.66 23.49
C SER A 190 21.78 13.53 24.75
N CYS A 191 20.65 12.83 24.63
CA CYS A 191 19.74 12.61 25.76
C CYS A 191 20.42 11.84 26.88
N CYS A 192 20.98 10.69 26.52
CA CYS A 192 21.26 9.62 27.46
C CYS A 192 22.63 9.02 27.18
N PRO A 193 23.34 8.56 28.24
CA PRO A 193 24.52 7.71 28.02
C PRO A 193 24.12 6.31 27.49
N GLU A 194 23.81 6.23 26.19
CA GLU A 194 23.35 4.99 25.55
C GLU A 194 23.91 4.88 24.13
N ALA A 195 25.01 4.13 23.99
CA ALA A 195 25.73 4.03 22.71
C ALA A 195 25.14 2.99 21.74
N TYR A 196 24.73 3.44 20.56
CA TYR A 196 24.20 2.55 19.52
C TYR A 196 25.26 2.23 18.47
N GLU A 197 25.49 0.95 18.22
CA GLU A 197 26.49 0.53 17.24
C GLU A 197 25.91 0.57 15.83
N ASP A 198 26.71 1.01 14.87
CA ASP A 198 26.29 1.05 13.46
C ASP A 198 27.45 0.71 12.55
N VAL A 199 27.11 0.23 11.35
CA VAL A 199 28.09 -0.02 10.30
C VAL A 199 28.03 1.10 9.27
N GLU A 200 29.19 1.68 8.98
CA GLU A 200 29.27 2.79 8.04
C GLU A 200 29.82 2.33 6.71
N VAL A 201 28.93 2.17 5.73
CA VAL A 201 29.31 1.81 4.36
C VAL A 201 29.61 3.06 3.55
N SER A 202 30.87 3.24 3.19
CA SER A 202 31.31 4.34 2.34
C SER A 202 31.32 3.90 0.88
N LEU A 203 30.40 4.45 0.08
CA LEU A 203 30.30 4.12 -1.33
C LEU A 203 31.00 5.19 -2.19
N ASN A 204 32.15 4.83 -2.74
CA ASN A 204 32.95 5.70 -3.60
C ASN A 204 32.61 5.42 -5.07
N PHE A 205 31.93 6.35 -5.72
CA PHE A 205 31.41 6.12 -7.07
C PHE A 205 31.46 7.36 -7.96
N ARG A 206 31.58 7.13 -9.26
CA ARG A 206 31.57 8.20 -10.24
C ARG A 206 30.72 7.84 -11.45
N LYS A 207 30.37 8.87 -12.22
CA LYS A 207 29.62 8.72 -13.46
C LYS A 207 30.54 8.16 -14.54
N LYS A 208 30.02 7.28 -15.40
CA LYS A 208 30.80 6.64 -16.45
C LYS A 208 31.04 7.59 -17.64
N GLY A 209 32.17 7.41 -18.31
CA GLY A 209 32.64 8.33 -19.35
C GLY A 209 33.68 9.27 -18.78
N ARG A 210 34.83 9.38 -19.44
CA ARG A 210 35.98 10.11 -18.90
C ARG A 210 36.73 10.91 -19.96
N SER A 211 37.36 12.00 -19.53
CA SER A 211 38.13 12.89 -20.43
C SER A 211 39.39 13.40 -19.73
N ALA B 5 13.20 -13.52 35.89
CA ALA B 5 12.50 -13.49 34.58
C ALA B 5 13.40 -12.95 33.45
N ASP B 6 12.92 -13.07 32.22
CA ASP B 6 13.68 -12.66 31.02
C ASP B 6 12.83 -11.75 30.12
N ARG B 7 13.39 -11.38 28.96
CA ARG B 7 12.69 -10.51 28.00
C ARG B 7 11.43 -11.16 27.43
N ALA B 8 11.50 -12.47 27.19
CA ALA B 8 10.33 -13.24 26.75
C ALA B 8 9.16 -13.12 27.73
N ASP B 9 9.46 -13.29 29.03
CA ASP B 9 8.45 -13.17 30.08
C ASP B 9 7.87 -11.76 30.16
N ILE B 10 8.73 -10.76 30.00
CA ILE B 10 8.31 -9.35 30.07
C ILE B 10 7.28 -9.04 28.98
N LEU B 11 7.58 -9.44 27.75
CA LEU B 11 6.66 -9.22 26.64
C LEU B 11 5.35 -9.99 26.84
N TYR B 12 5.47 -11.25 27.24
CA TYR B 12 4.30 -12.08 27.54
C TYR B 12 3.39 -11.34 28.52
N ASN B 13 3.95 -10.95 29.65
CA ASN B 13 3.25 -10.16 30.66
C ASN B 13 2.60 -8.91 30.04
N ILE B 14 3.37 -8.18 29.24
CA ILE B 14 2.90 -6.93 28.64
C ILE B 14 1.69 -7.17 27.74
N ARG B 15 1.70 -8.25 26.96
CA ARG B 15 0.54 -8.60 26.13
C ARG B 15 -0.72 -8.80 26.99
N GLN B 16 -0.56 -9.50 28.11
CA GLN B 16 -1.67 -9.80 29.00
C GLN B 16 -2.25 -8.55 29.67
N THR B 17 -1.38 -7.62 30.06
CA THR B 17 -1.80 -6.40 30.76
C THR B 17 -2.23 -5.28 29.81
N SER B 18 -1.40 -5.01 28.80
CA SER B 18 -1.65 -3.90 27.88
C SER B 18 -2.90 -4.09 27.03
N ARG B 19 -3.63 -3.01 26.87
CA ARG B 19 -4.78 -2.94 25.99
C ARG B 19 -4.52 -1.80 25.01
N PRO B 20 -4.04 -2.13 23.80
CA PRO B 20 -3.69 -1.15 22.76
C PRO B 20 -4.74 -0.09 22.42
N ASP B 21 -6.01 -0.39 22.61
CA ASP B 21 -7.08 0.54 22.28
C ASP B 21 -7.59 1.30 23.50
N VAL B 22 -6.94 1.11 24.64
CA VAL B 22 -7.40 1.70 25.92
C VAL B 22 -6.35 2.69 26.43
N ILE B 23 -6.69 3.98 26.34
CA ILE B 23 -5.81 5.04 26.82
C ILE B 23 -5.58 4.87 28.32
N PRO B 24 -4.30 4.77 28.74
CA PRO B 24 -3.99 4.38 30.12
C PRO B 24 -4.12 5.55 31.08
N THR B 25 -5.34 6.02 31.25
CA THR B 25 -5.59 7.28 31.90
C THR B 25 -5.60 7.06 33.41
N GLN B 26 -4.76 7.82 34.12
CA GLN B 26 -4.58 7.66 35.57
C GLN B 26 -5.78 8.17 36.37
N ARG B 27 -6.59 7.23 36.85
CA ARG B 27 -7.85 7.52 37.52
C ARG B 27 -8.75 8.39 36.60
N ASP B 28 -8.73 9.71 36.77
CA ASP B 28 -9.54 10.60 35.94
C ASP B 28 -8.80 11.88 35.54
N ARG B 29 -7.58 11.70 35.03
CA ARG B 29 -6.73 12.81 34.61
C ARG B 29 -6.13 12.52 33.24
N PRO B 30 -5.66 13.55 32.52
CA PRO B 30 -5.10 13.32 31.19
C PRO B 30 -3.76 12.61 31.24
N VAL B 31 -3.46 11.83 30.20
CA VAL B 31 -2.17 11.19 30.08
C VAL B 31 -1.21 12.24 29.52
N ALA B 32 -0.06 12.38 30.17
CA ALA B 32 0.93 13.38 29.77
C ALA B 32 1.79 12.81 28.67
N VAL B 33 1.64 13.36 27.47
CA VAL B 33 2.40 12.94 26.32
C VAL B 33 3.31 14.08 25.92
N SER B 34 4.62 13.86 26.00
CA SER B 34 5.59 14.85 25.56
C SER B 34 5.96 14.59 24.09
N VAL B 35 6.15 15.68 23.34
CA VAL B 35 6.46 15.61 21.92
C VAL B 35 7.64 16.52 21.58
N SER B 36 8.54 16.02 20.73
CA SER B 36 9.76 16.74 20.36
C SER B 36 10.23 16.28 18.99
N LEU B 37 10.11 17.15 17.99
CA LEU B 37 10.63 16.84 16.66
C LEU B 37 12.10 17.23 16.57
N LYS B 38 12.90 16.35 15.97
CA LYS B 38 14.29 16.64 15.66
C LYS B 38 14.49 16.50 14.15
N PHE B 39 14.62 17.64 13.47
CA PHE B 39 14.64 17.68 12.02
C PHE B 39 15.94 17.11 11.49
N ILE B 40 15.81 16.23 10.50
CA ILE B 40 16.94 15.52 9.92
C ILE B 40 17.26 16.06 8.52
N ASN B 41 16.22 16.38 7.76
CA ASN B 41 16.40 16.84 6.40
C ASN B 41 15.19 17.63 5.92
N ILE B 42 15.42 18.43 4.87
CA ILE B 42 14.38 19.15 4.14
C ILE B 42 14.61 18.88 2.65
N LEU B 43 13.63 18.25 2.01
CA LEU B 43 13.86 17.57 0.73
C LEU B 43 13.39 18.34 -0.51
N GLU B 44 12.19 18.87 -0.46
CA GLU B 44 11.58 19.52 -1.62
C GLU B 44 10.67 20.64 -1.17
N VAL B 45 11.21 21.85 -1.17
CA VAL B 45 10.46 23.04 -0.83
C VAL B 45 9.84 23.59 -2.11
N ASN B 46 8.71 24.28 -1.97
CA ASN B 46 8.05 24.90 -3.11
C ASN B 46 7.34 26.19 -2.68
N GLU B 47 7.98 27.33 -2.94
CA GLU B 47 7.50 28.63 -2.44
C GLU B 47 6.19 29.04 -3.11
N ILE B 48 5.97 28.57 -4.33
CA ILE B 48 4.72 28.83 -5.03
C ILE B 48 3.55 28.17 -4.29
N THR B 49 3.64 26.87 -4.06
CA THR B 49 2.56 26.12 -3.44
C THR B 49 2.54 26.24 -1.90
N ASN B 50 3.61 26.77 -1.32
CA ASN B 50 3.77 26.77 0.13
C ASN B 50 3.66 25.35 0.70
N GLU B 51 4.47 24.46 0.12
CA GLU B 51 4.51 23.06 0.53
C GLU B 51 5.95 22.64 0.73
N VAL B 52 6.22 21.93 1.83
CA VAL B 52 7.55 21.39 2.07
C VAL B 52 7.48 19.93 2.46
N ASP B 53 8.48 19.18 2.00
CA ASP B 53 8.62 17.77 2.32
C ASP B 53 9.77 17.68 3.33
N VAL B 54 9.51 17.08 4.48
CA VAL B 54 10.45 17.10 5.61
C VAL B 54 10.68 15.69 6.18
N VAL B 55 11.88 15.48 6.74
CA VAL B 55 12.21 14.27 7.49
C VAL B 55 12.58 14.67 8.92
N PHE B 56 11.97 14.01 9.91
CA PHE B 56 12.21 14.34 11.33
C PHE B 56 11.98 13.15 12.25
N TRP B 57 12.74 13.11 13.34
CA TRP B 57 12.58 12.10 14.38
C TRP B 57 11.63 12.60 15.43
N GLN B 58 10.42 12.04 15.44
CA GLN B 58 9.37 12.46 16.35
C GLN B 58 9.51 11.75 17.68
N ARG B 59 10.30 12.33 18.59
CA ARG B 59 10.48 11.77 19.92
C ARG B 59 9.22 11.92 20.76
N THR B 60 8.64 10.78 21.16
CA THR B 60 7.38 10.77 21.88
C THR B 60 7.53 9.96 23.16
N THR B 61 7.10 10.55 24.28
CA THR B 61 7.21 9.93 25.59
C THR B 61 5.89 10.04 26.33
N TRP B 62 5.54 8.98 27.06
CA TRP B 62 4.35 8.98 27.92
C TRP B 62 4.46 7.87 28.94
N SER B 63 3.55 7.88 29.90
CA SER B 63 3.54 6.88 30.97
C SER B 63 2.30 5.99 30.87
N ASP B 64 2.53 4.69 30.80
CA ASP B 64 1.45 3.70 30.91
C ASP B 64 1.84 2.76 32.04
N ARG B 65 1.34 3.05 33.24
CA ARG B 65 1.68 2.29 34.45
C ARG B 65 1.32 0.81 34.36
N THR B 66 0.29 0.48 33.59
CA THR B 66 -0.14 -0.91 33.43
C THR B 66 0.91 -1.82 32.79
N LEU B 67 1.89 -1.21 32.11
CA LEU B 67 3.01 -1.95 31.53
C LEU B 67 4.08 -2.36 32.54
N ALA B 68 4.06 -1.77 33.74
CA ALA B 68 5.17 -1.91 34.70
C ALA B 68 5.42 -3.34 35.18
N TRP B 69 6.64 -3.58 35.68
CA TRP B 69 7.05 -4.87 36.23
C TRP B 69 8.25 -4.70 37.19
N ASP B 70 8.56 -5.75 37.95
CA ASP B 70 9.69 -5.71 38.89
C ASP B 70 10.98 -6.02 38.14
N SER B 71 11.89 -5.05 38.08
CA SER B 71 13.14 -5.20 37.34
C SER B 71 14.37 -5.36 38.26
N SER B 72 14.15 -5.80 39.49
CA SER B 72 15.23 -6.10 40.42
C SER B 72 16.12 -7.18 39.82
N HIS B 73 15.50 -8.31 39.50
CA HIS B 73 16.19 -9.47 38.94
C HIS B 73 15.67 -9.73 37.53
N SER B 74 15.75 -8.69 36.70
CA SER B 74 15.26 -8.74 35.33
C SER B 74 15.67 -7.45 34.60
N PRO B 75 15.63 -7.47 33.25
CA PRO B 75 15.97 -6.28 32.47
C PRO B 75 15.06 -5.09 32.77
N ASP B 76 15.64 -3.90 32.82
CA ASP B 76 14.87 -2.67 33.06
C ASP B 76 14.08 -2.22 31.83
N GLN B 77 14.50 -2.64 30.64
CA GLN B 77 13.93 -2.15 29.38
C GLN B 77 13.82 -3.21 28.28
N VAL B 78 12.83 -3.01 27.42
CA VAL B 78 12.65 -3.86 26.25
C VAL B 78 12.09 -3.03 25.09
N SER B 79 12.40 -3.45 23.87
CA SER B 79 11.74 -2.91 22.70
C SER B 79 10.50 -3.76 22.47
N VAL B 80 9.39 -3.09 22.16
CA VAL B 80 8.08 -3.71 22.02
C VAL B 80 7.44 -3.15 20.76
N PRO B 81 6.77 -4.00 19.96
CA PRO B 81 6.09 -3.46 18.77
C PRO B 81 4.97 -2.50 19.17
N ILE B 82 4.81 -1.40 18.45
CA ILE B 82 3.80 -0.41 18.83
C ILE B 82 2.37 -0.97 18.79
N SER B 83 2.17 -2.10 18.11
CA SER B 83 0.85 -2.74 18.05
C SER B 83 0.48 -3.51 19.33
N SER B 84 1.45 -3.75 20.20
CA SER B 84 1.22 -4.44 21.46
C SER B 84 1.01 -3.46 22.62
N LEU B 85 1.15 -2.17 22.34
CA LEU B 85 0.96 -1.12 23.34
C LEU B 85 -0.15 -0.18 22.91
N TRP B 86 -0.59 0.66 23.85
CA TRP B 86 -1.35 1.84 23.48
C TRP B 86 -0.37 2.93 23.04
N VAL B 87 -0.73 3.65 21.98
CA VAL B 87 0.09 4.72 21.43
C VAL B 87 -0.80 5.94 21.21
N PRO B 88 -0.31 7.14 21.54
CA PRO B 88 -1.15 8.33 21.36
C PRO B 88 -1.49 8.57 19.89
N ASP B 89 -2.75 8.92 19.62
CA ASP B 89 -3.21 9.13 18.25
C ASP B 89 -2.80 10.51 17.73
N LEU B 90 -1.50 10.75 17.68
CA LEU B 90 -1.01 12.06 17.27
C LEU B 90 -1.14 12.26 15.75
N ALA B 91 -1.53 13.47 15.37
CA ALA B 91 -1.56 13.86 13.96
C ALA B 91 -1.04 15.28 13.79
N ALA B 92 -0.41 15.51 12.65
CA ALA B 92 -0.05 16.86 12.24
C ALA B 92 -1.27 17.49 11.59
N TYR B 93 -1.73 18.62 12.14
CA TYR B 93 -2.98 19.26 11.69
C TYR B 93 -2.87 19.84 10.27
N ASN B 94 -1.67 20.28 9.89
CA ASN B 94 -1.44 20.87 8.58
C ASN B 94 -0.70 19.94 7.61
N ALA B 95 -0.73 18.64 7.89
CA ALA B 95 -0.14 17.64 7.00
C ALA B 95 -0.97 17.49 5.72
N ILE B 96 -0.29 17.32 4.59
CA ILE B 96 -0.95 17.07 3.32
C ILE B 96 -0.54 15.71 2.73
N SER B 97 0.08 14.88 3.58
CA SER B 97 0.37 13.49 3.23
C SER B 97 0.40 12.66 4.50
N LYS B 98 0.15 11.35 4.35
CA LYS B 98 0.27 10.42 5.46
C LYS B 98 1.70 10.43 5.96
N PRO B 99 1.91 10.27 7.27
CA PRO B 99 3.29 10.20 7.73
C PRO B 99 3.93 8.90 7.26
N GLU B 100 4.96 9.01 6.42
CA GLU B 100 5.72 7.85 5.98
C GLU B 100 6.72 7.52 7.09
N VAL B 101 6.48 6.40 7.79
CA VAL B 101 7.36 5.97 8.87
C VAL B 101 8.48 5.12 8.29
N LEU B 102 9.70 5.62 8.43
CA LEU B 102 10.88 5.05 7.78
C LEU B 102 11.54 3.95 8.63
N THR B 103 11.47 4.11 9.95
CA THR B 103 12.18 3.22 10.86
C THR B 103 11.29 2.07 11.35
N PRO B 104 11.91 1.01 11.89
CA PRO B 104 11.15 -0.06 12.52
C PRO B 104 10.21 0.49 13.59
N GLN B 105 8.95 0.07 13.57
CA GLN B 105 7.94 0.63 14.46
C GLN B 105 7.90 -0.08 15.80
N LEU B 106 8.98 0.06 16.54
CA LEU B 106 9.11 -0.46 17.89
C LEU B 106 9.17 0.72 18.85
N ALA B 107 8.58 0.55 20.04
CA ALA B 107 8.69 1.54 21.11
C ALA B 107 9.62 0.99 22.17
N ARG B 108 10.07 1.86 23.06
CA ARG B 108 10.98 1.48 24.12
C ARG B 108 10.25 1.60 25.44
N VAL B 109 10.17 0.50 26.18
CA VAL B 109 9.38 0.41 27.41
C VAL B 109 10.29 0.11 28.60
N VAL B 110 10.16 0.93 29.65
CA VAL B 110 10.93 0.75 30.88
C VAL B 110 10.03 0.14 31.95
N SER B 111 10.60 -0.66 32.84
CA SER B 111 9.84 -1.32 33.91
C SER B 111 9.08 -0.35 34.82
N ASP B 112 9.51 0.90 34.84
CA ASP B 112 8.84 1.96 35.60
C ASP B 112 7.59 2.51 34.90
N GLY B 113 7.28 1.97 33.71
CA GLY B 113 6.02 2.29 33.02
C GLY B 113 6.11 3.32 31.90
N GLU B 114 7.23 4.03 31.80
CA GLU B 114 7.38 5.05 30.77
C GLU B 114 7.72 4.43 29.42
N VAL B 115 7.02 4.90 28.40
CA VAL B 115 7.19 4.42 27.04
C VAL B 115 7.94 5.51 26.27
N LEU B 116 8.82 5.09 25.37
CA LEU B 116 9.54 6.02 24.49
C LEU B 116 9.40 5.53 23.07
N TYR B 117 8.81 6.35 22.20
CA TYR B 117 8.63 5.98 20.80
C TYR B 117 9.10 7.12 19.91
N MET B 118 10.18 6.87 19.17
CA MET B 118 10.80 7.90 18.33
C MET B 118 11.01 7.41 16.90
N PRO B 119 9.96 7.40 16.08
CA PRO B 119 10.07 7.01 14.69
C PRO B 119 10.65 8.11 13.83
N SER B 120 11.35 7.74 12.76
CA SER B 120 11.76 8.71 11.76
C SER B 120 10.68 8.83 10.70
N ILE B 121 10.04 10.00 10.66
CA ILE B 121 8.88 10.26 9.80
C ILE B 121 9.26 11.18 8.66
N ARG B 122 8.82 10.84 7.45
CA ARG B 122 8.90 11.74 6.29
C ARG B 122 7.49 12.17 5.93
N GLN B 123 7.25 13.48 5.89
CA GLN B 123 5.91 13.99 5.67
C GLN B 123 5.89 15.30 4.93
N ARG B 124 4.79 15.57 4.23
CA ARG B 124 4.59 16.77 3.44
CA ARG B 124 4.63 16.81 3.47
C ARG B 124 3.60 17.70 4.16
N PHE B 125 3.97 18.96 4.35
CA PHE B 125 3.12 19.92 5.06
C PHE B 125 2.72 21.11 4.21
N SER B 126 1.64 21.77 4.63
CA SER B 126 1.25 23.06 4.09
C SER B 126 1.64 24.13 5.12
N CYS B 127 2.58 25.00 4.75
CA CYS B 127 3.03 26.03 5.67
C CYS B 127 3.73 27.20 4.95
N ASP B 128 3.98 28.26 5.71
CA ASP B 128 4.61 29.47 5.15
C ASP B 128 6.05 29.24 4.68
N VAL B 129 6.21 29.10 3.37
CA VAL B 129 7.51 28.89 2.73
C VAL B 129 8.13 30.18 2.19
N SER B 130 7.35 31.26 2.12
CA SER B 130 7.85 32.53 1.62
C SER B 130 9.04 32.99 2.46
N GLY B 131 10.09 33.42 1.78
CA GLY B 131 11.31 33.87 2.43
C GLY B 131 12.40 32.83 2.49
N VAL B 132 12.14 31.64 1.94
CA VAL B 132 13.11 30.54 1.98
C VAL B 132 14.42 30.95 1.33
N ASP B 133 14.32 31.72 0.24
CA ASP B 133 15.49 32.27 -0.46
C ASP B 133 15.81 33.69 0.02
N THR B 134 15.85 33.88 1.34
CA THR B 134 16.23 35.15 1.95
C THR B 134 17.10 34.91 3.18
N GLU B 135 17.73 35.98 3.66
CA GLU B 135 18.58 35.92 4.84
C GLU B 135 17.76 35.49 6.06
N SER B 136 16.60 36.10 6.24
CA SER B 136 15.76 35.86 7.42
C SER B 136 15.10 34.49 7.39
N GLY B 137 14.95 33.93 6.18
CA GLY B 137 14.42 32.59 6.02
C GLY B 137 12.91 32.52 6.16
N ALA B 138 12.33 31.43 5.67
CA ALA B 138 10.91 31.14 5.84
C ALA B 138 10.72 30.44 7.16
N THR B 139 9.56 30.63 7.78
CA THR B 139 9.22 29.97 9.04
C THR B 139 8.04 29.03 8.82
N CYS B 140 8.33 27.73 8.70
CA CYS B 140 7.29 26.72 8.54
C CYS B 140 6.74 26.27 9.89
N ARG B 141 5.45 26.46 10.09
CA ARG B 141 4.79 26.04 11.32
C ARG B 141 4.07 24.70 11.17
N ILE B 142 4.42 23.76 12.03
CA ILE B 142 3.79 22.43 12.06
C ILE B 142 3.11 22.19 13.41
N LYS B 143 1.77 22.08 13.39
CA LYS B 143 0.98 21.82 14.61
C LYS B 143 0.67 20.34 14.77
N ILE B 144 1.05 19.76 15.92
CA ILE B 144 0.86 18.33 16.18
C ILE B 144 0.20 18.05 17.54
N GLY B 145 -0.82 17.19 17.54
CA GLY B 145 -1.51 16.81 18.76
C GLY B 145 -2.47 15.67 18.53
N SER B 146 -3.19 15.26 19.57
CA SER B 146 -4.12 14.12 19.47
C SER B 146 -5.28 14.44 18.55
N TRP B 147 -5.64 13.48 17.71
CA TRP B 147 -6.73 13.66 16.77
C TRP B 147 -8.10 13.49 17.40
N THR B 148 -8.21 12.57 18.37
CA THR B 148 -9.51 12.28 19.00
C THR B 148 -9.57 12.57 20.50
N HIS B 149 -8.43 12.59 21.20
CA HIS B 149 -8.45 12.82 22.64
C HIS B 149 -8.25 14.28 22.99
N HIS B 150 -9.23 14.85 23.69
CA HIS B 150 -9.19 16.24 24.11
C HIS B 150 -8.33 16.42 25.36
N SER B 151 -8.28 17.65 25.88
CA SER B 151 -7.35 18.03 26.96
C SER B 151 -7.49 17.26 28.29
N ARG B 152 -8.66 16.70 28.56
CA ARG B 152 -8.88 15.89 29.76
C ARG B 152 -8.36 14.46 29.61
N GLU B 153 -8.06 14.05 28.38
CA GLU B 153 -7.55 12.70 28.10
C GLU B 153 -6.08 12.70 27.67
N ILE B 154 -5.70 13.63 26.78
CA ILE B 154 -4.29 13.82 26.43
C ILE B 154 -3.88 15.30 26.51
N SER B 155 -2.89 15.57 27.36
CA SER B 155 -2.22 16.86 27.41
C SER B 155 -0.87 16.71 26.75
N VAL B 156 -0.57 17.57 25.77
CA VAL B 156 0.74 17.55 25.13
C VAL B 156 1.59 18.72 25.61
N ASP B 157 2.85 18.44 25.96
CA ASP B 157 3.79 19.48 26.39
C ASP B 157 5.16 19.27 25.73
N PRO B 158 5.69 20.31 25.06
CA PRO B 158 6.93 20.16 24.31
C PRO B 158 8.18 20.15 25.18
N THR B 159 8.93 19.05 25.14
CA THR B 159 10.15 18.91 25.94
C THR B 159 11.24 19.91 25.50
N THR B 160 11.04 21.18 25.86
CA THR B 160 11.82 22.29 25.31
C THR B 160 13.16 22.49 26.02
N GLU B 161 14.24 22.47 25.22
CA GLU B 161 15.60 22.61 25.72
C GLU B 161 16.48 23.32 24.69
N ASN B 162 16.81 24.58 24.98
CA ASN B 162 17.56 25.43 24.03
C ASN B 162 19.03 25.00 23.90
N SER B 163 19.23 23.81 23.34
CA SER B 163 20.55 23.18 23.29
C SER B 163 21.17 23.27 21.89
N ASP B 164 20.54 22.59 20.93
CA ASP B 164 21.05 22.55 19.55
C ASP B 164 19.96 22.06 18.57
N ASP B 165 19.60 22.93 17.64
CA ASP B 165 18.48 22.65 16.73
C ASP B 165 18.91 21.74 15.56
N SER B 166 20.11 21.96 15.02
CA SER B 166 20.60 21.18 13.88
C SER B 166 21.58 20.07 14.31
N GLU B 167 21.37 19.52 15.50
CA GLU B 167 22.32 18.54 16.05
C GLU B 167 22.34 17.28 15.21
N TYR B 168 21.16 16.86 14.74
CA TYR B 168 21.00 15.66 13.91
C TYR B 168 20.59 15.99 12.47
N PHE B 169 20.58 17.28 12.13
CA PHE B 169 20.25 17.71 10.78
C PHE B 169 21.39 17.29 9.84
N SER B 170 21.04 16.92 8.61
CA SER B 170 22.04 16.50 7.64
C SER B 170 22.83 17.69 7.12
N GLN B 171 24.16 17.55 7.09
CA GLN B 171 25.02 18.62 6.59
C GLN B 171 24.88 18.80 5.08
N TYR B 172 24.40 17.76 4.40
CA TYR B 172 24.34 17.73 2.95
C TYR B 172 23.02 18.22 2.41
N SER B 173 22.18 18.79 3.26
CA SER B 173 20.93 19.38 2.79
C SER B 173 21.22 20.65 2.03
N ARG B 174 20.31 21.01 1.12
CA ARG B 174 20.35 22.28 0.43
C ARG B 174 20.10 23.41 1.41
N PHE B 175 19.34 23.12 2.46
CA PHE B 175 18.90 24.13 3.41
C PHE B 175 19.70 24.06 4.71
N GLU B 176 19.63 25.14 5.49
CA GLU B 176 20.19 25.16 6.83
C GLU B 176 19.15 25.70 7.82
N ILE B 177 19.18 25.19 9.04
CA ILE B 177 18.24 25.62 10.08
C ILE B 177 18.75 26.86 10.79
N LEU B 178 17.96 27.93 10.74
CA LEU B 178 18.26 29.14 11.49
C LEU B 178 17.79 28.98 12.93
N ASP B 179 16.53 28.56 13.11
CA ASP B 179 15.97 28.34 14.45
C ASP B 179 14.79 27.40 14.45
N VAL B 180 14.62 26.71 15.57
CA VAL B 180 13.44 25.91 15.87
C VAL B 180 12.96 26.30 17.27
N THR B 181 11.66 26.51 17.41
CA THR B 181 11.06 26.76 18.73
C THR B 181 9.73 26.02 18.86
N GLN B 182 9.66 25.12 19.83
CA GLN B 182 8.45 24.35 20.07
C GLN B 182 7.63 25.01 21.18
N LYS B 183 6.32 25.11 20.96
CA LYS B 183 5.42 25.91 21.78
C LYS B 183 4.08 25.19 21.98
N LYS B 184 3.63 25.08 23.24
CA LYS B 184 2.34 24.45 23.52
C LYS B 184 1.18 25.35 23.10
N ASN B 185 0.09 24.74 22.67
CA ASN B 185 -1.14 25.48 22.36
C ASN B 185 -2.39 24.61 22.58
N SER B 186 -3.56 25.15 22.29
CA SER B 186 -4.83 24.44 22.54
C SER B 186 -5.95 24.91 21.61
N VAL B 187 -6.40 24.01 20.73
CA VAL B 187 -7.37 24.34 19.68
C VAL B 187 -8.81 23.98 20.10
N THR B 188 -9.73 24.92 19.89
CA THR B 188 -11.14 24.72 20.17
C THR B 188 -11.90 24.99 18.88
N TYR B 189 -13.09 24.39 18.75
CA TYR B 189 -13.88 24.54 17.52
C TYR B 189 -15.29 25.02 17.85
N SER B 190 -15.79 25.96 17.04
CA SER B 190 -17.12 26.55 17.29
C SER B 190 -18.25 25.52 17.30
N CYS B 191 -17.98 24.34 16.76
CA CYS B 191 -18.92 23.22 16.83
C CYS B 191 -19.15 22.72 18.26
N CYS B 192 -18.06 22.62 19.01
CA CYS B 192 -17.99 21.67 20.12
C CYS B 192 -17.29 22.26 21.37
N PRO B 193 -17.54 21.67 22.55
CA PRO B 193 -16.98 22.17 23.81
C PRO B 193 -15.54 21.75 24.09
N GLU B 194 -15.10 20.66 23.46
CA GLU B 194 -13.82 20.04 23.80
C GLU B 194 -12.66 20.87 23.26
N ALA B 195 -11.59 21.00 24.04
CA ALA B 195 -10.37 21.66 23.60
C ALA B 195 -9.27 20.63 23.37
N TYR B 196 -8.61 20.71 22.21
CA TYR B 196 -7.54 19.77 21.85
C TYR B 196 -6.17 20.44 21.92
N GLU B 197 -5.32 19.96 22.82
CA GLU B 197 -3.97 20.51 23.00
C GLU B 197 -3.06 20.15 21.82
N ASP B 198 -2.03 20.96 21.59
CA ASP B 198 -1.06 20.70 20.51
C ASP B 198 0.31 21.37 20.74
N VAL B 199 1.31 20.88 20.02
CA VAL B 199 2.62 21.52 19.96
C VAL B 199 2.78 22.13 18.58
N GLU B 200 3.02 23.45 18.55
CA GLU B 200 3.45 24.14 17.35
C GLU B 200 4.96 24.06 17.29
N VAL B 201 5.49 23.58 16.17
CA VAL B 201 6.93 23.64 15.93
C VAL B 201 7.18 24.64 14.79
N SER B 202 7.86 25.73 15.12
CA SER B 202 8.21 26.76 14.14
C SER B 202 9.59 26.45 13.58
N LEU B 203 9.63 25.99 12.33
CA LEU B 203 10.88 25.64 11.66
C LEU B 203 11.35 26.81 10.80
N ASN B 204 12.32 27.56 11.32
CA ASN B 204 12.89 28.66 10.57
C ASN B 204 14.17 28.22 9.85
N PHE B 205 14.17 28.35 8.52
CA PHE B 205 15.24 27.82 7.71
C PHE B 205 15.39 28.58 6.39
N ARG B 206 16.51 28.38 5.72
CA ARG B 206 16.74 28.96 4.40
C ARG B 206 17.73 28.14 3.57
N LYS B 207 17.86 28.52 2.31
CA LYS B 207 18.84 27.90 1.41
C LYS B 207 20.25 28.28 1.80
N LYS B 208 21.16 27.32 1.70
CA LYS B 208 22.58 27.57 1.96
C LYS B 208 23.23 28.25 0.75
N GLY B 209 24.23 29.08 1.02
CA GLY B 209 25.06 29.65 -0.04
C GLY B 209 24.34 30.65 -0.94
N ARG B 210 23.75 31.67 -0.34
CA ARG B 210 23.12 32.76 -1.10
C ARG B 210 24.07 33.95 -1.16
N SER B 211 23.81 34.89 -2.06
CA SER B 211 24.68 36.05 -2.27
C SER B 211 24.50 37.09 -1.17
N GLU B 212 25.61 37.75 -0.83
CA GLU B 212 25.67 38.67 0.30
C GLU B 212 26.41 39.94 -0.10
N ALA C 5 -17.45 1.03 36.13
CA ALA C 5 -17.04 0.55 34.78
C ALA C 5 -16.06 1.52 34.13
N ASP C 6 -14.77 1.16 34.17
CA ASP C 6 -13.71 2.01 33.62
C ASP C 6 -13.68 2.00 32.09
N ARG C 7 -12.76 2.75 31.51
CA ARG C 7 -12.62 2.84 30.05
C ARG C 7 -12.40 1.49 29.38
N ALA C 8 -11.60 0.63 30.00
CA ALA C 8 -11.33 -0.70 29.46
C ALA C 8 -12.63 -1.49 29.28
N ASP C 9 -13.53 -1.39 30.25
CA ASP C 9 -14.82 -2.10 30.20
C ASP C 9 -15.74 -1.56 29.10
N ILE C 10 -15.86 -0.25 29.01
CA ILE C 10 -16.66 0.37 27.95
C ILE C 10 -16.14 -0.15 26.62
N LEU C 11 -14.87 0.06 26.38
CA LEU C 11 -14.23 -0.35 25.14
C LEU C 11 -14.38 -1.85 24.92
N TYR C 12 -14.17 -2.65 25.97
CA TYR C 12 -14.36 -4.10 25.87
C TYR C 12 -15.76 -4.47 25.41
N ASN C 13 -16.76 -3.88 26.05
CA ASN C 13 -18.15 -4.17 25.71
C ASN C 13 -18.50 -3.73 24.30
N ILE C 14 -17.96 -2.59 23.87
CA ILE C 14 -18.16 -2.11 22.51
C ILE C 14 -17.68 -3.16 21.50
N ARG C 15 -16.50 -3.73 21.73
CA ARG C 15 -15.96 -4.76 20.84
C ARG C 15 -16.83 -6.02 20.84
N GLN C 16 -17.40 -6.33 22.00
CA GLN C 16 -18.27 -7.50 22.15
C GLN C 16 -19.64 -7.30 21.47
N THR C 17 -20.14 -6.07 21.45
CA THR C 17 -21.50 -5.78 20.95
C THR C 17 -21.56 -5.16 19.55
N SER C 18 -20.45 -4.58 19.07
CA SER C 18 -20.43 -3.94 17.76
C SER C 18 -20.57 -4.96 16.63
N ARG C 19 -21.33 -4.59 15.60
CA ARG C 19 -21.48 -5.42 14.42
C ARG C 19 -21.10 -4.63 13.16
N PRO C 20 -19.80 -4.58 12.84
CA PRO C 20 -19.27 -3.73 11.76
C PRO C 20 -19.94 -3.89 10.40
N ASP C 21 -20.38 -5.09 10.05
CA ASP C 21 -20.97 -5.34 8.75
C ASP C 21 -22.50 -5.36 8.78
N VAL C 22 -23.10 -4.80 9.83
CA VAL C 22 -24.55 -4.75 9.98
C VAL C 22 -24.94 -3.32 10.33
N ILE C 23 -25.74 -2.71 9.46
CA ILE C 23 -26.24 -1.36 9.67
C ILE C 23 -27.16 -1.27 10.89
N PRO C 24 -26.89 -0.35 11.83
CA PRO C 24 -27.70 -0.25 13.04
C PRO C 24 -29.03 0.46 12.77
N THR C 25 -29.90 -0.22 12.03
CA THR C 25 -31.16 0.34 11.58
C THR C 25 -32.20 0.22 12.69
N GLN C 26 -32.77 1.36 13.06
CA GLN C 26 -33.85 1.41 14.04
C GLN C 26 -35.15 1.03 13.33
N ARG C 27 -35.79 -0.06 13.73
CA ARG C 27 -37.08 -0.48 13.16
C ARG C 27 -37.07 -0.42 11.62
N ASP C 28 -38.12 0.12 11.01
CA ASP C 28 -38.13 0.38 9.56
C ASP C 28 -37.34 1.64 9.18
N ARG C 29 -37.25 2.60 10.11
CA ARG C 29 -36.63 3.90 9.80
C ARG C 29 -35.13 3.79 9.48
N PRO C 30 -34.66 4.62 8.53
CA PRO C 30 -33.24 4.59 8.13
C PRO C 30 -32.30 5.07 9.24
N VAL C 31 -31.00 4.91 9.00
CA VAL C 31 -29.98 5.48 9.88
C VAL C 31 -29.73 6.90 9.45
N ALA C 32 -29.89 7.84 10.38
CA ALA C 32 -29.71 9.26 10.10
C ALA C 32 -28.23 9.60 10.20
N VAL C 33 -27.56 9.59 9.05
CA VAL C 33 -26.16 9.98 8.95
C VAL C 33 -26.12 11.44 8.54
N SER C 34 -25.30 12.22 9.25
CA SER C 34 -25.10 13.63 8.90
C SER C 34 -23.64 13.86 8.51
N VAL C 35 -23.42 14.54 7.39
CA VAL C 35 -22.06 14.74 6.84
C VAL C 35 -21.77 16.20 6.52
N SER C 36 -20.60 16.67 6.93
CA SER C 36 -20.21 18.07 6.74
C SER C 36 -18.72 18.19 6.44
N LEU C 37 -18.40 18.61 5.21
CA LEU C 37 -17.01 18.85 4.82
C LEU C 37 -16.52 20.18 5.36
N LYS C 38 -15.37 20.16 6.03
CA LYS C 38 -14.71 21.39 6.46
C LYS C 38 -13.41 21.50 5.71
N PHE C 39 -13.39 22.36 4.68
CA PHE C 39 -12.23 22.48 3.80
C PHE C 39 -11.01 23.07 4.50
N ILE C 40 -9.90 22.36 4.37
CA ILE C 40 -8.65 22.72 5.01
C ILE C 40 -7.65 23.28 4.02
N ASN C 41 -7.61 22.72 2.81
CA ASN C 41 -6.70 23.20 1.79
C ASN C 41 -7.12 22.77 0.40
N ILE C 42 -6.64 23.50 -0.59
CA ILE C 42 -6.77 23.13 -2.00
C ILE C 42 -5.37 23.23 -2.57
N LEU C 43 -4.85 22.10 -3.05
CA LEU C 43 -3.42 21.95 -3.34
C LEU C 43 -3.10 22.10 -4.82
N GLU C 44 -3.80 21.34 -5.65
CA GLU C 44 -3.56 21.37 -7.08
C GLU C 44 -4.88 21.53 -7.83
N VAL C 45 -4.82 22.29 -8.92
CA VAL C 45 -6.01 22.68 -9.65
C VAL C 45 -5.63 22.78 -11.13
N ASN C 46 -6.52 22.31 -11.99
CA ASN C 46 -6.30 22.31 -13.43
C ASN C 46 -7.58 22.68 -14.18
N GLU C 47 -7.55 23.82 -14.86
CA GLU C 47 -8.72 24.31 -15.58
C GLU C 47 -8.93 23.59 -16.90
N ILE C 48 -7.86 22.99 -17.44
CA ILE C 48 -7.97 22.30 -18.72
C ILE C 48 -8.63 20.94 -18.51
N THR C 49 -8.08 20.13 -17.61
CA THR C 49 -8.62 18.80 -17.32
C THR C 49 -9.83 18.83 -16.39
N ASN C 50 -10.07 19.97 -15.74
CA ASN C 50 -11.17 20.13 -14.77
C ASN C 50 -11.01 19.18 -13.60
N GLU C 51 -9.89 19.33 -12.89
CA GLU C 51 -9.52 18.42 -11.82
C GLU C 51 -8.91 19.19 -10.66
N VAL C 52 -9.48 19.02 -9.47
CA VAL C 52 -8.93 19.64 -8.27
C VAL C 52 -8.36 18.59 -7.33
N ASP C 53 -7.43 19.01 -6.48
CA ASP C 53 -6.85 18.14 -5.48
C ASP C 53 -7.06 18.88 -4.16
N VAL C 54 -7.85 18.29 -3.28
CA VAL C 54 -8.41 18.99 -2.13
C VAL C 54 -8.23 18.19 -0.85
N VAL C 55 -7.88 18.89 0.23
CA VAL C 55 -7.85 18.33 1.57
C VAL C 55 -9.06 18.88 2.33
N PHE C 56 -9.72 18.01 3.09
CA PHE C 56 -10.90 18.40 3.83
C PHE C 56 -11.14 17.42 4.97
N TRP C 57 -11.65 17.94 6.08
CA TRP C 57 -12.11 17.11 7.18
C TRP C 57 -13.55 16.70 6.91
N GLN C 58 -13.80 15.40 6.89
CA GLN C 58 -15.15 14.89 6.60
C GLN C 58 -15.88 14.51 7.88
N ARG C 59 -16.48 15.50 8.54
CA ARG C 59 -17.21 15.28 9.78
C ARG C 59 -18.45 14.44 9.54
N THR C 60 -18.42 13.20 10.04
CA THR C 60 -19.47 12.21 9.81
C THR C 60 -20.04 11.80 11.17
N THR C 61 -21.37 11.72 11.23
CA THR C 61 -22.08 11.49 12.49
C THR C 61 -23.34 10.66 12.27
N TRP C 62 -23.52 9.65 13.13
CA TRP C 62 -24.68 8.77 13.10
C TRP C 62 -24.85 8.13 14.47
N SER C 63 -25.96 7.41 14.65
CA SER C 63 -26.29 6.77 15.92
C SER C 63 -26.41 5.24 15.79
N ASP C 64 -25.71 4.52 16.67
CA ASP C 64 -25.89 3.07 16.85
C ASP C 64 -26.22 2.82 18.31
N ARG C 65 -27.50 2.57 18.61
CA ARG C 65 -27.98 2.50 20.00
C ARG C 65 -27.54 1.24 20.76
N THR C 66 -27.13 0.20 20.04
CA THR C 66 -26.67 -1.05 20.66
C THR C 66 -25.43 -0.87 21.55
N LEU C 67 -24.61 0.13 21.24
CA LEU C 67 -23.34 0.38 21.95
C LEU C 67 -23.51 1.13 23.27
N ALA C 68 -24.69 1.71 23.47
CA ALA C 68 -24.95 2.57 24.63
C ALA C 68 -24.62 1.91 25.97
N TRP C 69 -24.13 2.72 26.90
CA TRP C 69 -23.88 2.28 28.27
C TRP C 69 -24.28 3.41 29.23
N ASP C 70 -24.45 3.07 30.51
CA ASP C 70 -24.78 4.06 31.53
C ASP C 70 -23.53 4.84 31.92
N SER C 71 -23.49 6.12 31.57
CA SER C 71 -22.33 6.98 31.86
C SER C 71 -22.61 7.97 32.99
N SER C 72 -23.31 7.51 34.02
CA SER C 72 -23.52 8.28 35.23
C SER C 72 -22.27 8.18 36.10
N HIS C 73 -21.79 6.95 36.26
CA HIS C 73 -20.55 6.69 36.99
C HIS C 73 -19.53 6.05 36.04
N SER C 74 -19.22 6.77 34.97
CA SER C 74 -18.26 6.31 33.96
C SER C 74 -17.92 7.41 32.97
N PRO C 75 -16.88 7.19 32.15
CA PRO C 75 -16.61 8.11 31.03
C PRO C 75 -17.76 8.13 30.05
N ASP C 76 -18.10 9.31 29.53
CA ASP C 76 -19.25 9.46 28.63
C ASP C 76 -18.87 9.41 27.13
N GLN C 77 -17.58 9.56 26.83
CA GLN C 77 -17.06 9.34 25.49
C GLN C 77 -15.79 8.50 25.55
N VAL C 78 -15.56 7.71 24.50
CA VAL C 78 -14.30 6.99 24.33
C VAL C 78 -13.89 7.03 22.87
N SER C 79 -12.58 6.86 22.63
CA SER C 79 -12.05 6.77 21.28
C SER C 79 -11.98 5.31 20.87
N VAL C 80 -12.52 4.99 19.70
CA VAL C 80 -12.60 3.62 19.23
C VAL C 80 -12.12 3.51 17.78
N PRO C 81 -11.37 2.45 17.43
CA PRO C 81 -10.99 2.25 16.03
C PRO C 81 -12.20 1.99 15.15
N ILE C 82 -12.29 2.64 14.00
CA ILE C 82 -13.44 2.45 13.11
C ILE C 82 -13.53 1.05 12.54
N SER C 83 -12.47 0.26 12.64
CA SER C 83 -12.52 -1.13 12.20
C SER C 83 -13.35 -2.00 13.16
N SER C 84 -13.63 -1.49 14.36
CA SER C 84 -14.50 -2.15 15.31
C SER C 84 -15.97 -1.77 15.14
N LEU C 85 -16.24 -0.61 14.54
CA LEU C 85 -17.61 -0.09 14.41
C LEU C 85 -18.20 -0.30 13.02
N TRP C 86 -19.51 -0.22 12.91
CA TRP C 86 -20.15 -0.04 11.62
C TRP C 86 -19.86 1.38 11.19
N VAL C 87 -19.58 1.57 9.90
CA VAL C 87 -19.29 2.88 9.35
C VAL C 87 -20.10 3.08 8.08
N PRO C 88 -20.76 4.24 7.93
CA PRO C 88 -21.48 4.48 6.68
C PRO C 88 -20.54 4.37 5.46
N ASP C 89 -21.02 3.72 4.42
CA ASP C 89 -20.21 3.41 3.24
C ASP C 89 -20.20 4.55 2.22
N LEU C 90 -19.67 5.69 2.64
CA LEU C 90 -19.73 6.90 1.85
C LEU C 90 -18.75 6.86 0.69
N ALA C 91 -19.20 7.39 -0.45
CA ALA C 91 -18.34 7.58 -1.60
C ALA C 91 -18.60 8.94 -2.21
N ALA C 92 -17.54 9.59 -2.67
CA ALA C 92 -17.65 10.81 -3.46
C ALA C 92 -17.88 10.40 -4.90
N TYR C 93 -19.03 10.77 -5.46
CA TYR C 93 -19.46 10.21 -6.74
C TYR C 93 -18.63 10.72 -7.91
N ASN C 94 -18.06 11.92 -7.77
CA ASN C 94 -17.23 12.53 -8.82
C ASN C 94 -15.75 12.58 -8.43
N ALA C 95 -15.36 11.70 -7.51
CA ALA C 95 -13.96 11.52 -7.17
C ALA C 95 -13.23 10.75 -8.27
N ILE C 96 -11.94 11.02 -8.40
CA ILE C 96 -11.09 10.33 -9.36
C ILE C 96 -9.82 9.84 -8.66
N SER C 97 -9.91 9.63 -7.36
CA SER C 97 -8.82 9.05 -6.59
C SER C 97 -9.37 8.46 -5.29
N LYS C 98 -8.78 7.36 -4.86
CA LYS C 98 -9.08 6.76 -3.56
C LYS C 98 -8.75 7.81 -2.49
N PRO C 99 -9.67 8.03 -1.54
CA PRO C 99 -9.42 9.07 -0.53
C PRO C 99 -8.25 8.71 0.38
N GLU C 100 -7.20 9.52 0.37
CA GLU C 100 -6.07 9.30 1.26
C GLU C 100 -6.39 9.83 2.66
N VAL C 101 -6.74 8.92 3.56
CA VAL C 101 -7.02 9.27 4.96
C VAL C 101 -5.70 9.57 5.67
N LEU C 102 -5.54 10.81 6.12
CA LEU C 102 -4.26 11.30 6.63
C LEU C 102 -4.14 11.14 8.14
N THR C 103 -5.28 11.10 8.81
CA THR C 103 -5.34 11.10 10.27
C THR C 103 -5.55 9.68 10.81
N PRO C 104 -5.32 9.49 12.12
CA PRO C 104 -5.62 8.23 12.80
C PRO C 104 -7.06 7.77 12.59
N GLN C 105 -7.24 6.47 12.43
CA GLN C 105 -8.53 5.90 12.02
C GLN C 105 -9.44 5.64 13.22
N LEU C 106 -9.63 6.66 14.05
CA LEU C 106 -10.35 6.53 15.31
C LEU C 106 -11.61 7.35 15.27
N ALA C 107 -12.69 6.75 15.76
CA ALA C 107 -13.96 7.44 15.92
C ALA C 107 -14.20 7.71 17.37
N ARG C 108 -15.14 8.60 17.63
CA ARG C 108 -15.51 8.98 18.97
C ARG C 108 -16.90 8.42 19.25
N VAL C 109 -17.02 7.63 20.32
CA VAL C 109 -18.28 6.97 20.66
C VAL C 109 -18.85 7.52 21.96
N VAL C 110 -20.08 8.00 21.88
CA VAL C 110 -20.76 8.59 23.03
C VAL C 110 -21.68 7.56 23.67
N SER C 111 -21.87 7.66 24.98
CA SER C 111 -22.62 6.67 25.75
C SER C 111 -24.08 6.51 25.35
N ASP C 112 -24.67 7.51 24.70
CA ASP C 112 -26.05 7.42 24.20
C ASP C 112 -26.17 6.70 22.85
N GLY C 113 -25.04 6.32 22.24
CA GLY C 113 -25.03 5.63 20.94
C GLY C 113 -24.53 6.44 19.74
N GLU C 114 -24.34 7.74 19.92
CA GLU C 114 -23.89 8.61 18.83
C GLU C 114 -22.44 8.31 18.47
N VAL C 115 -22.17 8.19 17.17
CA VAL C 115 -20.81 7.98 16.68
C VAL C 115 -20.39 9.18 15.85
N LEU C 116 -19.19 9.67 16.13
CA LEU C 116 -18.60 10.81 15.41
C LEU C 116 -17.28 10.36 14.80
N TYR C 117 -17.14 10.53 13.49
CA TYR C 117 -15.91 10.20 12.77
C TYR C 117 -15.58 11.33 11.82
N MET C 118 -14.42 11.96 12.02
CA MET C 118 -14.01 13.10 11.25
C MET C 118 -12.56 12.92 10.80
N PRO C 119 -12.37 12.15 9.72
CA PRO C 119 -11.04 12.00 9.15
C PRO C 119 -10.66 13.19 8.24
N SER C 120 -9.36 13.50 8.18
CA SER C 120 -8.83 14.44 7.20
C SER C 120 -8.55 13.66 5.94
N ILE C 121 -9.17 14.05 4.84
CA ILE C 121 -9.07 13.30 3.59
C ILE C 121 -8.55 14.17 2.46
N ARG C 122 -7.45 13.75 1.85
CA ARG C 122 -6.95 14.35 0.63
C ARG C 122 -7.46 13.56 -0.56
N GLN C 123 -8.14 14.22 -1.49
CA GLN C 123 -8.77 13.52 -2.60
C GLN C 123 -8.84 14.35 -3.88
N ARG C 124 -8.74 13.65 -5.00
CA ARG C 124 -8.79 14.27 -6.31
CA ARG C 124 -8.80 14.30 -6.31
C ARG C 124 -10.21 14.16 -6.88
N PHE C 125 -10.77 15.26 -7.37
CA PHE C 125 -12.13 15.30 -7.90
C PHE C 125 -12.19 15.83 -9.33
N SER C 126 -13.27 15.48 -10.02
CA SER C 126 -13.58 16.01 -11.35
C SER C 126 -14.74 17.00 -11.22
N CYS C 127 -14.48 18.28 -11.51
CA CYS C 127 -15.50 19.33 -11.34
C CYS C 127 -15.16 20.63 -12.09
N ASP C 128 -16.12 21.56 -12.13
CA ASP C 128 -15.95 22.82 -12.84
C ASP C 128 -14.83 23.67 -12.22
N VAL C 129 -13.75 23.83 -12.95
CA VAL C 129 -12.64 24.68 -12.55
C VAL C 129 -12.64 25.98 -13.35
N SER C 130 -13.53 26.10 -14.34
CA SER C 130 -13.65 27.33 -15.12
C SER C 130 -14.00 28.51 -14.23
N GLY C 131 -13.17 29.56 -14.32
CA GLY C 131 -13.23 30.70 -13.41
C GLY C 131 -11.87 30.86 -12.72
N VAL C 132 -11.80 30.37 -11.49
CA VAL C 132 -10.55 30.16 -10.72
C VAL C 132 -9.50 31.28 -10.70
N ASP C 133 -9.16 31.86 -11.86
CA ASP C 133 -8.31 33.05 -11.91
C ASP C 133 -9.13 34.34 -12.02
N THR C 134 -10.45 34.23 -12.01
CA THR C 134 -11.33 35.38 -12.19
C THR C 134 -11.86 35.91 -10.86
N GLU C 135 -12.56 37.03 -10.93
CA GLU C 135 -13.22 37.64 -9.77
C GLU C 135 -14.36 36.75 -9.27
N SER C 136 -15.12 36.18 -10.20
CA SER C 136 -16.27 35.33 -9.86
C SER C 136 -15.84 34.03 -9.18
N GLY C 137 -14.66 33.53 -9.53
CA GLY C 137 -14.16 32.26 -9.03
C GLY C 137 -14.77 31.13 -9.80
N ALA C 138 -14.50 29.90 -9.33
CA ALA C 138 -15.05 28.68 -9.93
C ALA C 138 -15.80 27.88 -8.89
N THR C 139 -16.92 27.28 -9.29
CA THR C 139 -17.74 26.48 -8.40
C THR C 139 -17.51 24.99 -8.66
N CYS C 140 -16.69 24.38 -7.83
CA CYS C 140 -16.48 22.93 -7.89
C CYS C 140 -17.50 22.25 -6.99
N ARG C 141 -18.36 21.42 -7.59
CA ARG C 141 -19.42 20.72 -6.88
C ARG C 141 -19.04 19.26 -6.59
N ILE C 142 -19.21 18.85 -5.33
CA ILE C 142 -18.82 17.52 -4.86
C ILE C 142 -20.00 16.78 -4.24
N LYS C 143 -20.39 15.66 -4.83
CA LYS C 143 -21.49 14.84 -4.32
C LYS C 143 -20.97 13.69 -3.44
N ILE C 144 -21.45 13.63 -2.19
CA ILE C 144 -21.09 12.55 -1.27
C ILE C 144 -22.34 11.89 -0.72
N GLY C 145 -22.41 10.57 -0.85
CA GLY C 145 -23.56 9.79 -0.38
C GLY C 145 -23.15 8.35 -0.14
N SER C 146 -24.11 7.54 0.30
CA SER C 146 -23.88 6.11 0.50
C SER C 146 -23.74 5.42 -0.86
N TRP C 147 -22.90 4.41 -0.93
CA TRP C 147 -22.66 3.70 -2.18
C TRP C 147 -23.65 2.56 -2.40
N THR C 148 -23.96 1.80 -1.34
CA THR C 148 -24.85 0.63 -1.46
C THR C 148 -26.19 0.72 -0.71
N HIS C 149 -26.35 1.71 0.17
CA HIS C 149 -27.58 1.86 0.95
C HIS C 149 -28.42 3.03 0.46
N HIS C 150 -29.67 2.75 0.09
CA HIS C 150 -30.55 3.78 -0.46
C HIS C 150 -31.34 4.49 0.63
N SER C 151 -32.09 5.52 0.23
CA SER C 151 -32.89 6.38 1.12
C SER C 151 -33.50 5.64 2.33
N ARG C 152 -34.21 4.55 2.07
CA ARG C 152 -34.85 3.74 3.12
C ARG C 152 -33.88 3.18 4.17
N GLU C 153 -32.66 2.87 3.75
CA GLU C 153 -31.64 2.29 4.64
C GLU C 153 -30.69 3.31 5.22
N ILE C 154 -30.23 4.25 4.38
CA ILE C 154 -29.38 5.36 4.81
C ILE C 154 -29.91 6.68 4.27
N SER C 155 -30.02 7.67 5.16
CA SER C 155 -30.30 9.05 4.76
C SER C 155 -29.10 9.91 5.11
N VAL C 156 -28.81 10.89 4.25
CA VAL C 156 -27.73 11.85 4.49
C VAL C 156 -28.29 13.27 4.66
N ASP C 157 -27.68 14.03 5.56
CA ASP C 157 -28.12 15.37 5.85
C ASP C 157 -26.92 16.26 6.17
N PRO C 158 -26.78 17.38 5.42
CA PRO C 158 -25.73 18.31 5.80
C PRO C 158 -26.07 18.97 7.14
N THR C 159 -25.10 19.04 8.04
CA THR C 159 -25.31 19.72 9.31
C THR C 159 -25.29 21.22 9.07
N THR C 160 -26.46 21.86 9.07
CA THR C 160 -26.53 23.32 8.89
C THR C 160 -25.90 23.99 10.12
N GLU C 161 -24.57 24.02 10.12
CA GLU C 161 -23.79 24.59 11.20
C GLU C 161 -23.18 25.89 10.68
N ASN C 162 -23.89 26.99 10.90
CA ASN C 162 -23.43 28.30 10.45
C ASN C 162 -22.01 28.57 10.93
N SER C 163 -21.10 28.61 9.96
CA SER C 163 -19.69 28.85 10.21
C SER C 163 -19.10 29.45 8.95
N ASP C 164 -18.29 30.49 9.09
CA ASP C 164 -17.52 31.01 7.96
C ASP C 164 -16.72 29.85 7.37
N ASP C 165 -16.72 29.74 6.05
CA ASP C 165 -16.25 28.54 5.39
C ASP C 165 -14.73 28.38 5.38
N SER C 166 -14.01 29.46 5.69
CA SER C 166 -12.54 29.44 5.76
C SER C 166 -12.03 29.35 7.21
N GLU C 167 -12.83 28.78 8.11
CA GLU C 167 -12.48 28.74 9.53
C GLU C 167 -11.24 27.87 9.73
N TYR C 168 -11.20 26.75 9.02
CA TYR C 168 -10.10 25.79 9.11
C TYR C 168 -9.30 25.67 7.82
N PHE C 169 -9.61 26.55 6.85
CA PHE C 169 -8.90 26.59 5.59
C PHE C 169 -7.52 27.21 5.79
N SER C 170 -6.55 26.71 5.04
CA SER C 170 -5.16 27.13 5.19
C SER C 170 -4.96 28.53 4.63
N GLN C 171 -4.35 29.40 5.43
CA GLN C 171 -4.01 30.75 4.97
C GLN C 171 -2.85 30.75 3.98
N TYR C 172 -2.02 29.70 4.03
CA TYR C 172 -0.87 29.56 3.13
C TYR C 172 -1.22 28.83 1.83
N SER C 173 -2.49 28.47 1.65
CA SER C 173 -2.96 27.96 0.38
C SER C 173 -2.76 29.01 -0.70
N ARG C 174 -2.57 28.56 -1.94
CA ARG C 174 -2.44 29.46 -3.08
C ARG C 174 -3.81 29.99 -3.53
N PHE C 175 -4.87 29.28 -3.14
CA PHE C 175 -6.24 29.68 -3.46
C PHE C 175 -6.93 30.16 -2.20
N GLU C 176 -8.14 30.69 -2.37
CA GLU C 176 -8.98 31.08 -1.24
C GLU C 176 -10.45 30.71 -1.50
N ILE C 177 -11.18 30.49 -0.42
CA ILE C 177 -12.58 30.13 -0.51
C ILE C 177 -13.45 31.39 -0.53
N LEU C 178 -14.40 31.43 -1.45
CA LEU C 178 -15.39 32.49 -1.50
C LEU C 178 -16.60 32.08 -0.66
N ASP C 179 -17.17 30.92 -0.98
CA ASP C 179 -18.39 30.45 -0.33
C ASP C 179 -18.54 28.94 -0.49
N VAL C 180 -19.07 28.31 0.55
CA VAL C 180 -19.30 26.87 0.56
C VAL C 180 -20.73 26.58 0.99
N THR C 181 -21.52 26.02 0.08
CA THR C 181 -22.91 25.66 0.33
C THR C 181 -23.02 24.15 0.36
N GLN C 182 -23.69 23.62 1.38
CA GLN C 182 -23.85 22.18 1.53
C GLN C 182 -25.31 21.81 1.41
N LYS C 183 -25.69 21.42 0.19
CA LYS C 183 -27.09 21.17 -0.16
C LYS C 183 -27.39 19.67 -0.15
N LYS C 184 -28.45 19.27 0.57
CA LYS C 184 -28.93 17.90 0.54
C LYS C 184 -29.47 17.57 -0.83
N ASN C 185 -29.29 16.32 -1.26
CA ASN C 185 -29.84 15.88 -2.53
C ASN C 185 -30.03 14.37 -2.51
N SER C 186 -30.60 13.83 -3.59
CA SER C 186 -30.90 12.41 -3.66
C SER C 186 -30.88 11.88 -5.09
N VAL C 187 -29.73 11.32 -5.49
CA VAL C 187 -29.54 10.80 -6.85
C VAL C 187 -30.27 9.46 -7.04
N THR C 188 -30.72 9.21 -8.26
CA THR C 188 -31.41 7.97 -8.62
C THR C 188 -30.93 7.51 -10.00
N TYR C 189 -31.01 6.21 -10.26
CA TYR C 189 -30.44 5.62 -11.47
C TYR C 189 -31.49 4.89 -12.32
N SER C 190 -31.09 4.47 -13.52
CA SER C 190 -32.02 3.96 -14.52
C SER C 190 -32.32 2.46 -14.41
N CYS C 191 -31.49 1.71 -13.68
CA CYS C 191 -31.75 0.28 -13.47
C CYS C 191 -32.98 0.06 -12.61
N CYS C 192 -33.05 0.81 -11.53
CA CYS C 192 -33.86 0.45 -10.38
C CYS C 192 -34.48 1.70 -9.77
N PRO C 193 -35.58 1.54 -8.99
CA PRO C 193 -36.19 2.67 -8.31
C PRO C 193 -35.33 3.20 -7.15
N GLU C 194 -34.52 2.31 -6.56
CA GLU C 194 -33.66 2.65 -5.42
C GLU C 194 -33.07 4.06 -5.55
N ALA C 195 -33.37 4.93 -4.59
CA ALA C 195 -32.89 6.31 -4.60
C ALA C 195 -31.86 6.51 -3.50
N TYR C 196 -30.67 7.01 -3.87
CA TYR C 196 -29.57 7.16 -2.93
C TYR C 196 -29.35 8.63 -2.58
N GLU C 197 -29.31 8.92 -1.28
CA GLU C 197 -29.20 10.31 -0.80
C GLU C 197 -27.76 10.80 -0.76
N ASP C 198 -27.53 12.03 -1.23
CA ASP C 198 -26.20 12.63 -1.24
C ASP C 198 -26.23 14.08 -0.74
N VAL C 199 -25.08 14.53 -0.25
CA VAL C 199 -24.85 15.93 0.05
C VAL C 199 -24.11 16.50 -1.14
N GLU C 200 -24.65 17.56 -1.74
CA GLU C 200 -24.00 18.28 -2.82
C GLU C 200 -23.28 19.50 -2.22
N VAL C 201 -21.95 19.45 -2.22
CA VAL C 201 -21.12 20.50 -1.62
C VAL C 201 -20.60 21.41 -2.72
N SER C 202 -21.03 22.68 -2.71
CA SER C 202 -20.59 23.65 -3.71
C SER C 202 -19.44 24.48 -3.17
N LEU C 203 -18.25 24.28 -3.75
CA LEU C 203 -17.05 25.00 -3.36
C LEU C 203 -16.74 26.09 -4.38
N ASN C 204 -17.18 27.31 -4.06
CA ASN C 204 -16.86 28.49 -4.86
C ASN C 204 -15.53 29.04 -4.39
N PHE C 205 -14.52 29.03 -5.26
CA PHE C 205 -13.15 29.45 -4.89
C PHE C 205 -12.38 30.07 -6.05
N ARG C 206 -11.26 30.72 -5.72
CA ARG C 206 -10.37 31.31 -6.71
C ARG C 206 -8.91 31.42 -6.25
N LYS C 207 -8.03 31.75 -7.20
CA LYS C 207 -6.61 31.94 -6.92
C LYS C 207 -6.35 33.35 -6.40
N LYS C 208 -5.52 33.45 -5.35
CA LYS C 208 -5.22 34.74 -4.73
C LYS C 208 -4.35 35.62 -5.62
N GLY C 209 -4.99 36.29 -6.58
CA GLY C 209 -4.30 37.25 -7.44
C GLY C 209 -3.77 38.41 -6.62
N ARG C 210 -2.57 38.24 -6.07
CA ARG C 210 -2.02 39.12 -5.04
C ARG C 210 -1.68 40.53 -5.51
N SER C 211 -1.55 41.45 -4.55
CA SER C 211 -1.15 42.83 -4.83
C SER C 211 -0.51 43.48 -3.61
N ALA D 4 -39.96 -12.58 11.91
CA ALA D 4 -39.30 -11.63 10.96
C ALA D 4 -37.79 -11.63 11.13
N ALA D 5 -37.08 -11.91 10.05
CA ALA D 5 -35.62 -11.93 10.06
C ALA D 5 -35.09 -10.52 9.88
N ASP D 6 -34.19 -10.09 10.76
CA ASP D 6 -33.56 -8.77 10.63
C ASP D 6 -32.23 -8.87 9.87
N ARG D 7 -31.67 -7.73 9.51
CA ARG D 7 -30.49 -7.71 8.65
C ARG D 7 -29.34 -8.54 9.21
N ALA D 8 -29.13 -8.44 10.52
CA ALA D 8 -28.12 -9.24 11.20
C ALA D 8 -28.29 -10.74 10.91
N ASP D 9 -29.52 -11.24 11.02
CA ASP D 9 -29.82 -12.65 10.75
C ASP D 9 -29.58 -13.02 9.29
N ILE D 10 -29.91 -12.12 8.38
CA ILE D 10 -29.68 -12.35 6.96
C ILE D 10 -28.17 -12.48 6.71
N LEU D 11 -27.38 -11.57 7.26
CA LEU D 11 -25.92 -11.61 7.10
C LEU D 11 -25.32 -12.89 7.66
N TYR D 12 -25.68 -13.23 8.90
CA TYR D 12 -25.13 -14.42 9.55
C TYR D 12 -25.46 -15.69 8.77
N ASN D 13 -26.64 -15.75 8.17
CA ASN D 13 -26.96 -16.86 7.27
C ASN D 13 -25.98 -16.91 6.10
N ILE D 14 -25.80 -15.77 5.43
CA ILE D 14 -24.88 -15.64 4.31
C ILE D 14 -23.48 -16.11 4.70
N ARG D 15 -22.98 -15.63 5.83
CA ARG D 15 -21.59 -15.89 6.24
C ARG D 15 -21.38 -17.39 6.42
N GLN D 16 -22.32 -18.05 7.08
CA GLN D 16 -22.19 -19.47 7.42
C GLN D 16 -22.36 -20.42 6.23
N THR D 17 -23.00 -19.95 5.15
CA THR D 17 -23.23 -20.78 3.97
C THR D 17 -22.50 -20.28 2.70
N SER D 18 -22.01 -19.05 2.72
CA SER D 18 -21.23 -18.53 1.60
C SER D 18 -19.80 -19.00 1.71
N ARG D 19 -19.28 -19.53 0.60
CA ARG D 19 -17.91 -20.00 0.52
C ARG D 19 -17.15 -19.05 -0.39
N PRO D 20 -16.34 -18.13 0.18
CA PRO D 20 -15.69 -17.09 -0.63
C PRO D 20 -14.73 -17.62 -1.69
N ASP D 21 -14.02 -18.70 -1.39
CA ASP D 21 -13.02 -19.22 -2.31
C ASP D 21 -13.52 -20.40 -3.13
N VAL D 22 -14.84 -20.54 -3.21
CA VAL D 22 -15.50 -21.62 -3.94
C VAL D 22 -16.50 -21.05 -4.93
N ILE D 23 -16.34 -21.40 -6.20
CA ILE D 23 -17.26 -20.94 -7.26
C ILE D 23 -18.63 -21.60 -7.08
N PRO D 24 -19.71 -20.80 -7.03
CA PRO D 24 -21.05 -21.35 -6.78
C PRO D 24 -21.66 -22.00 -8.03
N THR D 25 -21.08 -23.13 -8.44
CA THR D 25 -21.52 -23.84 -9.62
C THR D 25 -22.81 -24.56 -9.30
N GLN D 26 -23.79 -24.44 -10.19
CA GLN D 26 -25.06 -25.13 -10.06
C GLN D 26 -25.01 -26.45 -10.82
N ARG D 27 -24.78 -27.53 -10.07
CA ARG D 27 -24.50 -28.86 -10.63
C ARG D 27 -23.20 -28.85 -11.47
N ASP D 28 -23.32 -28.76 -12.80
CA ASP D 28 -22.15 -28.68 -13.67
C ASP D 28 -22.10 -27.39 -14.51
N ARG D 29 -23.20 -26.64 -14.55
CA ARG D 29 -23.32 -25.51 -15.46
C ARG D 29 -22.48 -24.33 -14.98
N PRO D 30 -22.00 -23.49 -15.92
CA PRO D 30 -21.15 -22.37 -15.52
C PRO D 30 -21.94 -21.31 -14.78
N VAL D 31 -21.27 -20.56 -13.91
CA VAL D 31 -21.89 -19.44 -13.22
C VAL D 31 -22.04 -18.30 -14.23
N ALA D 32 -23.25 -17.75 -14.32
CA ALA D 32 -23.55 -16.70 -15.30
C ALA D 32 -23.31 -15.31 -14.70
N VAL D 33 -22.12 -14.79 -14.95
CA VAL D 33 -21.76 -13.45 -14.54
C VAL D 33 -22.17 -12.50 -15.64
N SER D 34 -22.68 -11.34 -15.28
CA SER D 34 -22.99 -10.29 -16.23
C SER D 34 -22.11 -9.08 -15.92
N VAL D 35 -21.51 -8.51 -16.96
CA VAL D 35 -20.58 -7.39 -16.82
C VAL D 35 -21.02 -6.22 -17.70
N SER D 36 -21.26 -5.08 -17.08
CA SER D 36 -21.60 -3.86 -17.80
C SER D 36 -20.79 -2.70 -17.23
N LEU D 37 -19.97 -2.08 -18.07
CA LEU D 37 -19.22 -0.89 -17.67
C LEU D 37 -20.05 0.34 -17.99
N LYS D 38 -20.13 1.27 -17.02
CA LYS D 38 -20.71 2.58 -17.24
C LYS D 38 -19.58 3.58 -17.07
N PHE D 39 -19.37 4.45 -18.05
CA PHE D 39 -18.19 5.31 -18.08
C PHE D 39 -18.45 6.65 -17.40
N ILE D 40 -17.58 6.98 -16.45
CA ILE D 40 -17.75 8.17 -15.62
C ILE D 40 -16.79 9.28 -16.02
N ASN D 41 -15.56 8.93 -16.40
CA ASN D 41 -14.62 9.92 -16.90
C ASN D 41 -13.49 9.30 -17.71
N ILE D 42 -12.89 10.12 -18.58
CA ILE D 42 -11.69 9.75 -19.33
C ILE D 42 -10.62 10.79 -18.99
N LEU D 43 -9.44 10.32 -18.60
CA LEU D 43 -8.37 11.17 -18.08
C LEU D 43 -7.01 10.84 -18.70
N GLU D 44 -6.04 11.74 -18.51
CA GLU D 44 -4.68 11.61 -19.06
C GLU D 44 -4.58 10.73 -20.33
N VAL D 45 -5.07 11.28 -21.44
CA VAL D 45 -5.01 10.63 -22.74
C VAL D 45 -3.65 10.86 -23.42
N ASN D 46 -3.25 9.93 -24.29
CA ASN D 46 -1.95 10.00 -24.94
C ASN D 46 -1.93 9.22 -26.26
N GLU D 47 -1.90 9.95 -27.37
CA GLU D 47 -1.93 9.33 -28.71
C GLU D 47 -0.55 8.79 -29.15
N ILE D 48 0.50 9.28 -28.52
CA ILE D 48 1.87 8.82 -28.81
C ILE D 48 2.10 7.44 -28.19
N THR D 49 1.83 7.32 -26.90
CA THR D 49 2.02 6.05 -26.19
C THR D 49 0.83 5.08 -26.33
N ASN D 50 -0.33 5.59 -26.75
CA ASN D 50 -1.56 4.80 -26.84
C ASN D 50 -2.01 4.29 -25.46
N GLU D 51 -2.39 5.23 -24.59
CA GLU D 51 -2.72 4.90 -23.21
C GLU D 51 -3.75 5.90 -22.67
N VAL D 52 -4.67 5.42 -21.84
CA VAL D 52 -5.76 6.25 -21.30
C VAL D 52 -6.20 5.81 -19.89
N ASP D 53 -6.16 6.72 -18.93
CA ASP D 53 -6.86 6.52 -17.66
C ASP D 53 -8.35 6.56 -17.95
N VAL D 54 -9.10 5.63 -17.38
CA VAL D 54 -10.54 5.66 -17.51
C VAL D 54 -11.16 5.29 -16.19
N VAL D 55 -12.15 6.09 -15.76
CA VAL D 55 -12.94 5.77 -14.59
C VAL D 55 -14.29 5.23 -15.05
N PHE D 56 -14.71 4.13 -14.44
CA PHE D 56 -15.95 3.48 -14.83
C PHE D 56 -16.56 2.68 -13.68
N TRP D 57 -17.87 2.54 -13.73
CA TRP D 57 -18.58 1.69 -12.80
C TRP D 57 -18.71 0.34 -13.45
N GLN D 58 -18.12 -0.68 -12.83
CA GLN D 58 -18.11 -2.03 -13.37
C GLN D 58 -19.25 -2.84 -12.76
N ARG D 59 -20.44 -2.69 -13.32
CA ARG D 59 -21.62 -3.41 -12.83
C ARG D 59 -21.50 -4.89 -13.11
N THR D 60 -21.47 -5.67 -12.03
CA THR D 60 -21.22 -7.10 -12.12
C THR D 60 -22.28 -7.87 -11.33
N THR D 61 -23.01 -8.73 -12.02
CA THR D 61 -24.11 -9.48 -11.43
C THR D 61 -23.92 -10.96 -11.66
N TRP D 62 -24.24 -11.75 -10.64
CA TRP D 62 -24.27 -13.19 -10.74
C TRP D 62 -25.24 -13.68 -9.68
N SER D 63 -25.35 -15.00 -9.49
CA SER D 63 -26.29 -15.56 -8.51
C SER D 63 -25.71 -16.75 -7.75
N ASP D 64 -25.97 -16.75 -6.44
CA ASP D 64 -25.66 -17.90 -5.57
C ASP D 64 -26.91 -18.26 -4.78
N ARG D 65 -27.69 -19.20 -5.32
CA ARG D 65 -28.99 -19.53 -4.76
C ARG D 65 -28.93 -20.13 -3.34
N THR D 66 -27.76 -20.62 -2.92
CA THR D 66 -27.62 -21.12 -1.54
C THR D 66 -27.81 -19.98 -0.53
N LEU D 67 -27.64 -18.74 -0.98
CA LEU D 67 -27.78 -17.56 -0.13
C LEU D 67 -29.21 -17.01 -0.05
N ALA D 68 -30.13 -17.54 -0.84
CA ALA D 68 -31.48 -17.02 -0.89
C ALA D 68 -32.23 -17.18 0.43
N TRP D 69 -33.15 -16.27 0.69
CA TRP D 69 -34.04 -16.34 1.85
C TRP D 69 -35.43 -15.77 1.54
N ASP D 70 -36.36 -15.98 2.46
CA ASP D 70 -37.73 -15.50 2.32
C ASP D 70 -37.85 -14.08 2.86
N SER D 71 -38.13 -13.13 1.96
CA SER D 71 -38.20 -11.72 2.32
C SER D 71 -39.65 -11.24 2.45
N SER D 72 -40.54 -12.16 2.81
CA SER D 72 -41.94 -11.84 3.00
C SER D 72 -42.09 -10.75 4.05
N HIS D 73 -41.47 -10.96 5.21
CA HIS D 73 -41.49 -10.02 6.32
C HIS D 73 -40.08 -9.79 6.84
N SER D 74 -39.23 -9.34 5.93
CA SER D 74 -37.86 -9.02 6.24
C SER D 74 -37.26 -8.30 5.04
N PRO D 75 -36.10 -7.64 5.21
CA PRO D 75 -35.51 -6.86 4.12
C PRO D 75 -35.25 -7.68 2.85
N ASP D 76 -35.50 -7.06 1.70
CA ASP D 76 -35.33 -7.70 0.40
C ASP D 76 -33.85 -7.87 0.06
N GLN D 77 -33.04 -6.89 0.45
CA GLN D 77 -31.61 -6.93 0.18
C GLN D 77 -30.80 -6.53 1.40
N VAL D 78 -29.52 -6.90 1.38
CA VAL D 78 -28.55 -6.44 2.35
C VAL D 78 -27.25 -6.10 1.64
N SER D 79 -26.51 -5.15 2.19
CA SER D 79 -25.16 -4.88 1.73
C SER D 79 -24.24 -5.77 2.54
N VAL D 80 -23.26 -6.36 1.86
CA VAL D 80 -22.37 -7.34 2.44
C VAL D 80 -20.96 -7.07 1.93
N PRO D 81 -19.95 -7.08 2.82
CA PRO D 81 -18.59 -6.96 2.29
C PRO D 81 -18.23 -8.11 1.34
N ILE D 82 -17.45 -7.82 0.30
CA ILE D 82 -17.09 -8.85 -0.69
C ILE D 82 -16.12 -9.91 -0.16
N SER D 83 -15.44 -9.63 0.94
CA SER D 83 -14.60 -10.62 1.62
C SER D 83 -15.41 -11.80 2.17
N SER D 84 -16.70 -11.59 2.43
CA SER D 84 -17.59 -12.64 2.90
C SER D 84 -18.28 -13.37 1.75
N LEU D 85 -18.12 -12.87 0.52
CA LEU D 85 -18.74 -13.47 -0.66
C LEU D 85 -17.70 -14.08 -1.57
N TRP D 86 -18.15 -14.96 -2.45
CA TRP D 86 -17.37 -15.31 -3.63
C TRP D 86 -17.68 -14.25 -4.69
N VAL D 87 -16.61 -13.67 -5.26
CA VAL D 87 -16.69 -12.66 -6.30
C VAL D 87 -15.94 -13.17 -7.52
N PRO D 88 -16.53 -13.01 -8.73
CA PRO D 88 -15.85 -13.45 -9.96
C PRO D 88 -14.50 -12.79 -10.14
N ASP D 89 -13.51 -13.56 -10.59
CA ASP D 89 -12.14 -13.09 -10.70
C ASP D 89 -11.89 -12.38 -12.03
N LEU D 90 -12.65 -11.31 -12.28
CA LEU D 90 -12.54 -10.56 -13.53
C LEU D 90 -11.24 -9.78 -13.55
N ALA D 91 -10.64 -9.69 -14.73
CA ALA D 91 -9.49 -8.82 -14.96
C ALA D 91 -9.63 -8.18 -16.32
N ALA D 92 -9.15 -6.95 -16.44
CA ALA D 92 -9.01 -6.30 -17.74
C ALA D 92 -7.74 -6.81 -18.40
N TYR D 93 -7.87 -7.51 -19.53
CA TYR D 93 -6.71 -8.12 -20.18
C TYR D 93 -5.71 -7.11 -20.75
N ASN D 94 -6.18 -5.93 -21.11
CA ASN D 94 -5.30 -4.90 -21.65
C ASN D 94 -5.07 -3.75 -20.67
N ALA D 95 -5.28 -4.01 -19.38
CA ALA D 95 -4.96 -3.02 -18.34
C ALA D 95 -3.47 -2.99 -18.12
N ILE D 96 -2.93 -1.81 -17.85
CA ILE D 96 -1.50 -1.66 -17.58
C ILE D 96 -1.23 -1.05 -16.21
N SER D 97 -2.27 -0.89 -15.40
CA SER D 97 -2.14 -0.62 -13.98
C SER D 97 -3.18 -1.46 -13.26
N LYS D 98 -2.89 -1.87 -12.04
CA LYS D 98 -3.86 -2.63 -11.26
C LYS D 98 -5.01 -1.69 -10.92
N PRO D 99 -6.23 -2.22 -10.83
CA PRO D 99 -7.40 -1.34 -10.69
C PRO D 99 -7.46 -0.62 -9.35
N GLU D 100 -7.52 0.70 -9.40
CA GLU D 100 -7.73 1.52 -8.21
C GLU D 100 -9.22 1.52 -7.92
N VAL D 101 -9.64 0.84 -6.87
CA VAL D 101 -11.04 0.77 -6.50
C VAL D 101 -11.40 1.92 -5.56
N LEU D 102 -12.18 2.86 -6.10
CA LEU D 102 -12.44 4.15 -5.47
C LEU D 102 -13.53 4.07 -4.40
N THR D 103 -14.38 3.06 -4.50
CA THR D 103 -15.59 2.98 -3.70
C THR D 103 -15.54 1.84 -2.66
N PRO D 104 -16.39 1.90 -1.62
CA PRO D 104 -16.45 0.83 -0.62
C PRO D 104 -16.68 -0.54 -1.25
N GLN D 105 -15.98 -1.55 -0.76
CA GLN D 105 -16.01 -2.86 -1.38
C GLN D 105 -17.12 -3.70 -0.73
N LEU D 106 -18.35 -3.22 -0.96
CA LEU D 106 -19.55 -3.88 -0.49
C LEU D 106 -20.34 -4.34 -1.70
N ALA D 107 -20.82 -5.58 -1.62
CA ALA D 107 -21.74 -6.11 -2.62
C ALA D 107 -23.14 -5.92 -2.09
N ARG D 108 -24.10 -6.29 -2.91
CA ARG D 108 -25.50 -6.21 -2.54
C ARG D 108 -26.07 -7.59 -2.81
N VAL D 109 -26.59 -8.23 -1.76
CA VAL D 109 -27.17 -9.56 -1.89
C VAL D 109 -28.69 -9.45 -1.84
N VAL D 110 -29.35 -10.04 -2.82
CA VAL D 110 -30.81 -10.03 -2.90
C VAL D 110 -31.35 -11.37 -2.40
N SER D 111 -32.56 -11.35 -1.84
CA SER D 111 -33.15 -12.52 -1.18
C SER D 111 -33.39 -13.74 -2.08
N ASP D 112 -33.35 -13.54 -3.40
CA ASP D 112 -33.46 -14.65 -4.35
C ASP D 112 -32.10 -15.30 -4.66
N GLY D 113 -31.04 -14.84 -4.00
CA GLY D 113 -29.69 -15.36 -4.22
C GLY D 113 -28.85 -14.53 -5.19
N GLU D 114 -29.44 -13.49 -5.76
CA GLU D 114 -28.75 -12.66 -6.74
C GLU D 114 -27.78 -11.74 -6.04
N VAL D 115 -26.63 -11.52 -6.65
CA VAL D 115 -25.56 -10.75 -6.06
C VAL D 115 -25.10 -9.68 -7.04
N LEU D 116 -25.00 -8.45 -6.57
CA LEU D 116 -24.65 -7.33 -7.42
C LEU D 116 -23.47 -6.58 -6.84
N TYR D 117 -22.38 -6.51 -7.57
CA TYR D 117 -21.22 -5.75 -7.17
C TYR D 117 -20.90 -4.71 -8.24
N MET D 118 -20.79 -3.45 -7.84
CA MET D 118 -20.57 -2.36 -8.76
C MET D 118 -19.64 -1.31 -8.17
N PRO D 119 -18.33 -1.57 -8.25
CA PRO D 119 -17.36 -0.58 -7.84
C PRO D 119 -17.05 0.45 -8.93
N SER D 120 -16.63 1.64 -8.50
CA SER D 120 -16.06 2.65 -9.39
C SER D 120 -14.56 2.38 -9.47
N ILE D 121 -14.08 2.04 -10.66
CA ILE D 121 -12.69 1.70 -10.87
C ILE D 121 -12.01 2.72 -11.78
N ARG D 122 -10.81 3.12 -11.36
CA ARG D 122 -9.97 4.04 -12.10
C ARG D 122 -8.72 3.24 -12.47
N GLN D 123 -8.51 3.07 -13.77
CA GLN D 123 -7.52 2.12 -14.28
C GLN D 123 -6.98 2.56 -15.65
N ARG D 124 -5.70 2.26 -15.92
CA ARG D 124 -5.06 2.62 -17.19
CA ARG D 124 -5.06 2.63 -17.18
C ARG D 124 -5.03 1.46 -18.17
N PHE D 125 -5.21 1.78 -19.45
CA PHE D 125 -5.29 0.78 -20.51
C PHE D 125 -4.40 1.12 -21.70
N SER D 126 -3.92 0.07 -22.36
CA SER D 126 -3.30 0.18 -23.67
C SER D 126 -4.35 -0.12 -24.74
N CYS D 127 -4.58 0.82 -25.64
CA CYS D 127 -5.60 0.68 -26.67
C CYS D 127 -5.44 1.75 -27.75
N ASP D 128 -6.23 1.62 -28.82
CA ASP D 128 -6.15 2.57 -29.92
C ASP D 128 -6.61 3.95 -29.46
N VAL D 129 -5.69 4.91 -29.44
CA VAL D 129 -5.99 6.29 -29.09
C VAL D 129 -5.91 7.20 -30.31
N SER D 130 -5.51 6.66 -31.46
CA SER D 130 -5.44 7.45 -32.68
C SER D 130 -6.83 7.94 -33.09
N GLY D 131 -6.91 9.22 -33.45
CA GLY D 131 -8.18 9.83 -33.86
C GLY D 131 -8.89 10.60 -32.77
N VAL D 132 -8.28 10.68 -31.59
CA VAL D 132 -8.90 11.34 -30.44
C VAL D 132 -9.26 12.80 -30.68
N ASP D 133 -8.46 13.49 -31.50
CA ASP D 133 -8.70 14.90 -31.85
C ASP D 133 -9.22 15.01 -33.28
N THR D 134 -10.11 14.08 -33.65
CA THR D 134 -10.83 14.13 -34.91
C THR D 134 -12.31 13.94 -34.60
N GLU D 135 -13.17 14.21 -35.59
CA GLU D 135 -14.62 14.08 -35.38
C GLU D 135 -15.03 12.61 -35.30
N SER D 136 -14.30 11.74 -36.02
CA SER D 136 -14.56 10.30 -35.97
C SER D 136 -14.17 9.69 -34.62
N GLY D 137 -13.23 10.34 -33.94
CA GLY D 137 -12.80 9.93 -32.61
C GLY D 137 -11.85 8.75 -32.65
N ALA D 138 -11.42 8.33 -31.47
CA ALA D 138 -10.64 7.11 -31.31
C ALA D 138 -11.53 6.04 -30.68
N THR D 139 -11.15 4.77 -30.87
CA THR D 139 -11.91 3.66 -30.31
C THR D 139 -11.01 2.77 -29.46
N CYS D 140 -11.15 2.91 -28.15
CA CYS D 140 -10.39 2.12 -27.16
C CYS D 140 -11.18 0.88 -26.78
N ARG D 141 -10.65 -0.30 -27.09
CA ARG D 141 -11.33 -1.56 -26.75
C ARG D 141 -10.76 -2.16 -25.46
N ILE D 142 -11.66 -2.44 -24.51
CA ILE D 142 -11.31 -3.05 -23.23
C ILE D 142 -11.93 -4.44 -23.11
N LYS D 143 -11.08 -5.45 -22.96
CA LYS D 143 -11.52 -6.84 -22.79
C LYS D 143 -11.47 -7.20 -21.32
N ILE D 144 -12.58 -7.72 -20.82
CA ILE D 144 -12.69 -8.08 -19.42
C ILE D 144 -13.34 -9.46 -19.30
N GLY D 145 -12.75 -10.31 -18.47
CA GLY D 145 -13.22 -11.67 -18.30
C GLY D 145 -12.44 -12.41 -17.22
N SER D 146 -12.93 -13.57 -16.81
CA SER D 146 -12.31 -14.36 -15.76
C SER D 146 -10.86 -14.64 -16.09
N TRP D 147 -9.99 -14.43 -15.11
CA TRP D 147 -8.58 -14.73 -15.26
C TRP D 147 -8.31 -16.23 -15.21
N THR D 148 -9.03 -16.96 -14.38
CA THR D 148 -8.73 -18.38 -14.17
C THR D 148 -9.82 -19.39 -14.60
N HIS D 149 -11.07 -18.96 -14.75
CA HIS D 149 -12.17 -19.91 -15.02
C HIS D 149 -12.61 -19.92 -16.49
N HIS D 150 -12.57 -21.10 -17.11
CA HIS D 150 -12.93 -21.24 -18.51
C HIS D 150 -14.46 -21.20 -18.72
N SER D 151 -14.88 -21.32 -19.98
CA SER D 151 -16.29 -21.24 -20.36
C SER D 151 -17.18 -22.25 -19.65
N ARG D 152 -16.63 -23.42 -19.36
CA ARG D 152 -17.37 -24.47 -18.65
C ARG D 152 -17.68 -24.05 -17.20
N GLU D 153 -16.92 -23.10 -16.67
CA GLU D 153 -17.02 -22.66 -15.27
C GLU D 153 -17.60 -21.27 -15.10
N ILE D 154 -17.13 -20.33 -15.91
CA ILE D 154 -17.66 -18.97 -15.88
C ILE D 154 -18.02 -18.50 -17.28
N SER D 155 -19.21 -17.93 -17.40
CA SER D 155 -19.62 -17.27 -18.61
C SER D 155 -19.86 -15.80 -18.29
N VAL D 156 -19.35 -14.94 -19.16
CA VAL D 156 -19.55 -13.49 -19.03
C VAL D 156 -20.47 -13.02 -20.13
N ASP D 157 -21.50 -12.26 -19.76
CA ASP D 157 -22.48 -11.74 -20.71
C ASP D 157 -22.51 -10.21 -20.60
N PRO D 158 -22.51 -9.52 -21.76
CA PRO D 158 -22.71 -8.08 -21.73
C PRO D 158 -24.20 -7.76 -21.66
N THR D 159 -24.58 -6.90 -20.72
CA THR D 159 -25.99 -6.55 -20.54
C THR D 159 -26.45 -5.63 -21.66
N THR D 160 -27.31 -6.14 -22.53
CA THR D 160 -27.93 -5.33 -23.58
C THR D 160 -28.96 -4.43 -22.89
N GLU D 161 -28.57 -3.19 -22.61
CA GLU D 161 -29.46 -2.21 -21.98
C GLU D 161 -30.04 -1.22 -22.99
N ASN D 162 -29.24 -0.87 -24.01
CA ASN D 162 -29.65 0.07 -25.06
C ASN D 162 -29.85 1.52 -24.58
N SER D 163 -29.31 1.85 -23.40
CA SER D 163 -29.45 3.18 -22.82
C SER D 163 -28.48 4.17 -23.47
N ASP D 164 -28.46 5.41 -22.97
CA ASP D 164 -27.48 6.40 -23.43
C ASP D 164 -26.10 5.95 -22.97
N ASP D 165 -25.11 6.16 -23.84
CA ASP D 165 -23.74 5.73 -23.56
C ASP D 165 -23.05 6.69 -22.61
N SER D 166 -23.22 8.00 -22.84
CA SER D 166 -22.66 9.03 -21.96
C SER D 166 -23.68 9.43 -20.88
N GLU D 167 -24.27 8.44 -20.23
CA GLU D 167 -25.35 8.67 -19.28
C GLU D 167 -24.78 9.18 -17.97
N TYR D 168 -23.87 8.40 -17.38
CA TYR D 168 -23.23 8.76 -16.12
C TYR D 168 -21.89 9.48 -16.34
N PHE D 169 -21.57 9.77 -17.60
CA PHE D 169 -20.28 10.37 -17.95
C PHE D 169 -20.17 11.81 -17.46
N SER D 170 -19.00 12.15 -16.89
CA SER D 170 -18.73 13.49 -16.40
C SER D 170 -18.77 14.50 -17.54
N GLN D 171 -19.59 15.52 -17.41
CA GLN D 171 -19.67 16.62 -18.37
C GLN D 171 -18.44 17.54 -18.30
N TYR D 172 -17.68 17.42 -17.22
CA TYR D 172 -16.49 18.26 -17.00
C TYR D 172 -15.21 17.64 -17.55
N SER D 173 -15.30 16.48 -18.22
CA SER D 173 -14.13 15.87 -18.84
C SER D 173 -13.69 16.67 -20.05
N ARG D 174 -12.45 16.44 -20.51
CA ARG D 174 -11.99 17.05 -21.75
C ARG D 174 -12.56 16.34 -22.97
N PHE D 175 -13.09 15.14 -22.75
CA PHE D 175 -13.53 14.30 -23.83
C PHE D 175 -15.02 14.01 -23.73
N GLU D 176 -15.58 13.46 -24.80
CA GLU D 176 -16.98 13.07 -24.85
C GLU D 176 -17.08 11.71 -25.52
N ILE D 177 -18.15 10.99 -25.22
CA ILE D 177 -18.37 9.66 -25.78
C ILE D 177 -19.32 9.77 -26.97
N LEU D 178 -18.94 9.11 -28.07
CA LEU D 178 -19.75 9.07 -29.26
C LEU D 178 -20.67 7.86 -29.25
N ASP D 179 -20.10 6.70 -28.94
CA ASP D 179 -20.82 5.43 -28.96
C ASP D 179 -20.08 4.41 -28.09
N VAL D 180 -20.81 3.45 -27.56
CA VAL D 180 -20.24 2.34 -26.80
C VAL D 180 -20.95 1.05 -27.19
N THR D 181 -20.17 -0.01 -27.39
CA THR D 181 -20.71 -1.31 -27.79
C THR D 181 -20.03 -2.44 -27.03
N GLN D 182 -20.82 -3.14 -26.23
CA GLN D 182 -20.34 -4.24 -25.41
C GLN D 182 -20.64 -5.59 -26.09
N LYS D 183 -19.64 -6.15 -26.76
CA LYS D 183 -19.75 -7.42 -27.48
C LYS D 183 -19.15 -8.56 -26.65
N LYS D 184 -19.69 -9.76 -26.82
CA LYS D 184 -19.19 -10.95 -26.18
C LYS D 184 -18.14 -11.64 -27.05
N ASN D 185 -17.10 -12.19 -26.42
CA ASN D 185 -15.99 -12.81 -27.13
C ASN D 185 -15.46 -14.06 -26.40
N SER D 186 -14.78 -14.93 -27.14
CA SER D 186 -14.35 -16.25 -26.63
C SER D 186 -12.84 -16.49 -26.79
N VAL D 187 -12.04 -15.79 -25.99
CA VAL D 187 -10.57 -15.91 -26.04
C VAL D 187 -10.07 -17.34 -25.72
N THR D 188 -9.25 -17.87 -26.62
CA THR D 188 -8.59 -19.17 -26.45
C THR D 188 -7.09 -18.95 -26.57
N TYR D 189 -6.30 -19.86 -26.02
CA TYR D 189 -4.84 -19.71 -25.99
C TYR D 189 -4.12 -20.84 -26.71
N SER D 190 -2.89 -20.53 -27.15
CA SER D 190 -2.10 -21.42 -28.00
C SER D 190 -1.75 -22.74 -27.30
N CYS D 191 -1.43 -22.66 -26.01
CA CYS D 191 -1.04 -23.81 -25.21
C CYS D 191 -2.17 -24.84 -25.04
N CYS D 192 -3.31 -24.34 -24.56
CA CYS D 192 -4.28 -25.14 -23.84
C CYS D 192 -5.66 -25.08 -24.50
N PRO D 193 -6.50 -26.11 -24.28
CA PRO D 193 -7.78 -26.22 -25.01
C PRO D 193 -8.90 -25.33 -24.48
N GLU D 194 -9.22 -25.45 -23.20
CA GLU D 194 -10.45 -24.86 -22.63
C GLU D 194 -10.49 -23.34 -22.86
N ALA D 195 -11.63 -22.84 -23.33
CA ALA D 195 -11.77 -21.46 -23.80
C ALA D 195 -12.20 -20.51 -22.68
N TYR D 196 -11.78 -19.25 -22.80
CA TYR D 196 -12.03 -18.23 -21.78
C TYR D 196 -12.87 -17.07 -22.32
N GLU D 197 -14.06 -16.88 -21.74
CA GLU D 197 -14.99 -15.86 -22.21
C GLU D 197 -14.66 -14.49 -21.66
N ASP D 198 -14.93 -13.46 -22.47
CA ASP D 198 -14.73 -12.06 -22.07
C ASP D 198 -15.74 -11.13 -22.76
N VAL D 199 -15.97 -9.98 -22.14
CA VAL D 199 -16.71 -8.88 -22.80
C VAL D 199 -15.72 -7.85 -23.35
N GLU D 200 -15.79 -7.60 -24.66
CA GLU D 200 -14.98 -6.56 -25.30
C GLU D 200 -15.81 -5.29 -25.40
N VAL D 201 -15.40 -4.27 -24.65
CA VAL D 201 -16.10 -2.99 -24.63
C VAL D 201 -15.34 -1.97 -25.47
N SER D 202 -15.97 -1.56 -26.57
CA SER D 202 -15.36 -0.62 -27.52
C SER D 202 -15.82 0.80 -27.23
N LEU D 203 -15.01 1.55 -26.48
CA LEU D 203 -15.31 2.94 -26.13
C LEU D 203 -14.89 3.87 -27.28
N ASN D 204 -15.86 4.55 -27.89
CA ASN D 204 -15.58 5.53 -28.95
C ASN D 204 -15.73 6.94 -28.39
N PHE D 205 -14.62 7.67 -28.33
CA PHE D 205 -14.61 8.98 -27.66
C PHE D 205 -13.73 9.98 -28.41
N ARG D 206 -14.01 11.26 -28.25
CA ARG D 206 -13.21 12.33 -28.87
C ARG D 206 -13.07 13.55 -27.97
N LYS D 207 -12.02 14.33 -28.24
CA LYS D 207 -11.74 15.55 -27.48
C LYS D 207 -12.77 16.63 -27.82
N LYS D 208 -13.33 17.25 -26.78
CA LYS D 208 -14.31 18.31 -26.94
C LYS D 208 -13.72 19.44 -27.78
N GLY D 209 -14.46 19.90 -28.79
CA GLY D 209 -13.97 20.91 -29.71
C GLY D 209 -14.01 22.31 -29.13
N ARG D 210 -13.02 22.63 -28.29
CA ARG D 210 -12.97 23.91 -27.59
C ARG D 210 -12.46 25.04 -28.51
N SER D 211 -13.38 25.65 -29.26
CA SER D 211 -13.05 26.75 -30.18
C SER D 211 -14.21 27.73 -30.30
N ALA E 4 -17.78 -39.50 -4.58
CA ALA E 4 -17.87 -38.18 -5.29
C ALA E 4 -17.46 -37.02 -4.38
N ALA E 5 -17.22 -35.87 -4.99
CA ALA E 5 -16.79 -34.67 -4.27
C ALA E 5 -17.09 -33.43 -5.10
N ASP E 6 -17.58 -32.38 -4.44
CA ASP E 6 -17.83 -31.10 -5.11
C ASP E 6 -16.56 -30.25 -5.05
N ARG E 7 -16.62 -29.05 -5.64
CA ARG E 7 -15.49 -28.13 -5.59
C ARG E 7 -15.16 -27.68 -4.17
N ALA E 8 -16.19 -27.47 -3.35
CA ALA E 8 -16.01 -27.08 -1.94
C ALA E 8 -15.27 -28.16 -1.14
N ASP E 9 -15.55 -29.43 -1.44
CA ASP E 9 -14.84 -30.54 -0.83
C ASP E 9 -13.38 -30.59 -1.28
N ILE E 10 -13.14 -30.30 -2.55
CA ILE E 10 -11.77 -30.28 -3.09
C ILE E 10 -10.95 -29.18 -2.44
N LEU E 11 -11.56 -28.02 -2.26
CA LEU E 11 -10.89 -26.87 -1.67
C LEU E 11 -10.62 -27.10 -0.18
N TYR E 12 -11.56 -27.74 0.51
CA TYR E 12 -11.41 -28.05 1.92
C TYR E 12 -10.18 -28.92 2.15
N ASN E 13 -10.08 -29.98 1.36
CA ASN E 13 -8.93 -30.90 1.42
C ASN E 13 -7.60 -30.20 1.15
N ILE E 14 -7.59 -29.24 0.22
CA ILE E 14 -6.35 -28.53 -0.11
C ILE E 14 -5.83 -27.75 1.11
N ARG E 15 -6.71 -26.99 1.76
CA ARG E 15 -6.34 -26.24 2.97
C ARG E 15 -5.91 -27.14 4.15
N GLN E 16 -6.35 -28.39 4.17
CA GLN E 16 -5.93 -29.33 5.21
C GLN E 16 -4.55 -29.94 4.94
N THR E 17 -4.27 -30.24 3.67
CA THR E 17 -3.01 -30.87 3.28
C THR E 17 -1.93 -29.85 2.94
N SER E 18 -2.32 -28.72 2.36
CA SER E 18 -1.36 -27.73 1.88
C SER E 18 -0.75 -26.95 3.02
N ARG E 19 0.58 -26.91 3.05
CA ARG E 19 1.31 -26.06 3.96
C ARG E 19 2.10 -25.05 3.13
N PRO E 20 1.59 -23.81 3.06
CA PRO E 20 2.11 -22.81 2.11
C PRO E 20 3.57 -22.39 2.32
N ASP E 21 4.12 -22.58 3.52
CA ASP E 21 5.50 -22.21 3.81
C ASP E 21 6.46 -23.42 3.74
N VAL E 22 6.02 -24.52 3.14
CA VAL E 22 6.84 -25.74 3.03
C VAL E 22 7.01 -26.14 1.56
N ILE E 23 8.24 -26.16 1.09
CA ILE E 23 8.50 -26.56 -0.29
C ILE E 23 8.13 -28.04 -0.47
N PRO E 24 7.30 -28.35 -1.49
CA PRO E 24 6.86 -29.73 -1.67
C PRO E 24 7.88 -30.60 -2.41
N THR E 25 9.01 -30.86 -1.77
CA THR E 25 10.05 -31.73 -2.31
C THR E 25 9.61 -33.17 -2.21
N GLN E 26 9.35 -33.79 -3.35
CA GLN E 26 9.06 -35.20 -3.39
C GLN E 26 10.38 -35.95 -3.33
N ARG E 27 10.50 -36.85 -2.36
CA ARG E 27 11.79 -37.43 -1.98
C ARG E 27 12.68 -36.28 -1.47
N ASP E 28 13.94 -36.23 -1.91
CA ASP E 28 14.75 -35.03 -1.72
C ASP E 28 15.24 -34.51 -3.08
N ARG E 29 14.40 -34.68 -4.09
CA ARG E 29 14.62 -34.09 -5.39
C ARG E 29 14.32 -32.60 -5.28
N PRO E 30 14.91 -31.78 -6.16
CA PRO E 30 14.43 -30.40 -6.23
C PRO E 30 13.05 -30.32 -6.88
N VAL E 31 12.33 -29.23 -6.60
CA VAL E 31 11.05 -29.00 -7.23
C VAL E 31 11.30 -28.40 -8.61
N ALA E 32 10.79 -29.06 -9.64
CA ALA E 32 10.93 -28.57 -11.01
C ALA E 32 9.94 -27.45 -11.28
N VAL E 33 10.33 -26.23 -10.93
CA VAL E 33 9.54 -25.05 -11.27
C VAL E 33 9.90 -24.65 -12.69
N SER E 34 8.89 -24.52 -13.56
CA SER E 34 9.13 -24.09 -14.92
C SER E 34 8.56 -22.69 -15.07
N VAL E 35 9.34 -21.81 -15.71
CA VAL E 35 9.02 -20.39 -15.81
C VAL E 35 9.16 -19.93 -17.24
N SER E 36 8.21 -19.12 -17.69
CA SER E 36 8.17 -18.65 -19.06
C SER E 36 7.41 -17.33 -19.12
N LEU E 37 8.07 -16.28 -19.60
CA LEU E 37 7.46 -14.98 -19.78
C LEU E 37 6.86 -14.88 -21.17
N LYS E 38 5.73 -14.21 -21.25
CA LYS E 38 5.07 -13.91 -22.49
C LYS E 38 4.73 -12.45 -22.47
N PHE E 39 5.33 -11.69 -23.35
CA PHE E 39 5.32 -10.23 -23.24
C PHE E 39 4.07 -9.61 -23.82
N ILE E 40 3.53 -8.65 -23.08
CA ILE E 40 2.26 -8.02 -23.42
C ILE E 40 2.45 -6.58 -23.84
N ASN E 41 3.38 -5.88 -23.20
CA ASN E 41 3.60 -4.49 -23.51
C ASN E 41 4.96 -4.00 -23.03
N ILE E 42 5.41 -2.91 -23.65
CA ILE E 42 6.62 -2.19 -23.26
C ILE E 42 6.21 -0.72 -23.21
N LEU E 43 6.19 -0.15 -22.01
CA LEU E 43 5.49 1.12 -21.77
C LEU E 43 6.40 2.35 -21.71
N GLU E 44 7.49 2.23 -20.97
CA GLU E 44 8.46 3.32 -20.83
C GLU E 44 9.83 2.72 -21.09
N VAL E 45 10.59 3.36 -21.95
CA VAL E 45 11.95 2.95 -22.23
C VAL E 45 12.85 4.18 -22.12
N ASN E 46 14.03 3.99 -21.54
CA ASN E 46 14.97 5.10 -21.35
C ASN E 46 16.38 4.62 -21.65
N GLU E 47 16.90 5.06 -22.80
CA GLU E 47 18.19 4.60 -23.32
C GLU E 47 19.37 5.20 -22.54
N ILE E 48 19.16 6.33 -21.90
CA ILE E 48 20.22 6.98 -21.12
C ILE E 48 20.47 6.24 -19.80
N THR E 49 19.38 5.93 -19.10
CA THR E 49 19.44 5.27 -17.79
C THR E 49 19.36 3.74 -17.85
N ASN E 50 19.15 3.18 -19.04
CA ASN E 50 19.03 1.73 -19.22
C ASN E 50 17.92 1.11 -18.36
N GLU E 51 16.71 1.62 -18.54
CA GLU E 51 15.57 1.16 -17.75
C GLU E 51 14.33 0.99 -18.61
N VAL E 52 13.69 -0.17 -18.44
CA VAL E 52 12.48 -0.49 -19.17
C VAL E 52 11.37 -0.77 -18.18
N ASP E 53 10.16 -0.49 -18.59
CA ASP E 53 8.98 -0.74 -17.79
C ASP E 53 8.15 -1.70 -18.64
N VAL E 54 8.20 -2.98 -18.29
CA VAL E 54 7.59 -4.04 -19.09
C VAL E 54 6.36 -4.66 -18.41
N VAL E 55 5.40 -5.09 -19.22
CA VAL E 55 4.25 -5.84 -18.76
C VAL E 55 4.31 -7.22 -19.43
N PHE E 56 4.20 -8.28 -18.62
CA PHE E 56 4.35 -9.64 -19.12
C PHE E 56 3.52 -10.62 -18.30
N TRP E 57 3.16 -11.75 -18.90
CA TRP E 57 2.53 -12.84 -18.19
C TRP E 57 3.62 -13.83 -17.79
N GLN E 58 3.62 -14.24 -16.54
CA GLN E 58 4.66 -15.13 -16.00
C GLN E 58 4.09 -16.53 -15.79
N ARG E 59 4.06 -17.33 -16.84
CA ARG E 59 3.55 -18.68 -16.75
C ARG E 59 4.46 -19.48 -15.83
N THR E 60 3.95 -19.78 -14.64
CA THR E 60 4.69 -20.53 -13.63
C THR E 60 4.00 -21.86 -13.39
N THR E 61 4.78 -22.93 -13.34
CA THR E 61 4.22 -24.27 -13.30
C THR E 61 5.11 -25.16 -12.45
N TRP E 62 4.50 -25.90 -11.53
CA TRP E 62 5.22 -26.85 -10.68
C TRP E 62 4.30 -27.93 -10.14
N SER E 63 4.89 -28.94 -9.51
CA SER E 63 4.14 -30.05 -8.93
C SER E 63 4.14 -29.98 -7.41
N ASP E 64 2.96 -30.15 -6.82
CA ASP E 64 2.80 -30.31 -5.38
C ASP E 64 1.89 -31.52 -5.14
N ARG E 65 2.50 -32.67 -4.90
CA ARG E 65 1.76 -33.93 -4.80
C ARG E 65 0.91 -34.05 -3.53
N THR E 66 1.17 -33.20 -2.53
CA THR E 66 0.34 -33.14 -1.34
C THR E 66 -0.92 -32.29 -1.57
N LEU E 67 -1.36 -32.19 -2.83
CA LEU E 67 -2.62 -31.53 -3.15
C LEU E 67 -3.56 -32.45 -3.93
N ALA E 68 -3.07 -33.60 -4.37
CA ALA E 68 -3.80 -34.44 -5.32
C ALA E 68 -5.07 -35.06 -4.73
N TRP E 69 -5.96 -35.45 -5.63
CA TRP E 69 -7.25 -36.03 -5.25
C TRP E 69 -7.82 -36.84 -6.41
N ASP E 70 -8.79 -37.69 -6.11
CA ASP E 70 -9.43 -38.54 -7.10
C ASP E 70 -10.50 -37.74 -7.85
N SER E 71 -10.27 -37.50 -9.14
CA SER E 71 -11.19 -36.72 -9.98
C SER E 71 -11.92 -37.60 -11.01
N SER E 72 -12.07 -38.88 -10.73
CA SER E 72 -12.76 -39.78 -11.65
C SER E 72 -14.26 -39.49 -11.70
N HIS E 73 -14.82 -38.99 -10.59
CA HIS E 73 -16.22 -38.57 -10.52
C HIS E 73 -16.34 -37.21 -9.84
N SER E 74 -15.36 -36.35 -10.09
CA SER E 74 -15.31 -34.99 -9.54
C SER E 74 -14.55 -34.11 -10.51
N PRO E 75 -14.72 -32.78 -10.40
CA PRO E 75 -13.92 -31.88 -11.23
C PRO E 75 -12.44 -32.14 -11.05
N ASP E 76 -11.69 -32.08 -12.15
CA ASP E 76 -10.25 -32.40 -12.12
C ASP E 76 -9.35 -31.17 -11.99
N GLN E 77 -9.94 -29.98 -11.96
CA GLN E 77 -9.21 -28.73 -11.72
C GLN E 77 -9.98 -27.81 -10.80
N VAL E 78 -9.26 -26.95 -10.08
CA VAL E 78 -9.89 -25.82 -9.37
C VAL E 78 -8.99 -24.58 -9.39
N SER E 79 -9.61 -23.41 -9.29
CA SER E 79 -8.88 -22.16 -9.02
C SER E 79 -8.72 -22.00 -7.50
N VAL E 80 -7.50 -21.76 -7.05
CA VAL E 80 -7.20 -21.67 -5.62
C VAL E 80 -6.35 -20.43 -5.37
N PRO E 81 -6.67 -19.67 -4.30
CA PRO E 81 -5.86 -18.49 -3.95
C PRO E 81 -4.46 -18.90 -3.57
N ILE E 82 -3.45 -18.19 -4.05
CA ILE E 82 -2.06 -18.59 -3.82
C ILE E 82 -1.65 -18.59 -2.34
N SER E 83 -2.36 -17.84 -1.51
CA SER E 83 -2.09 -17.84 -0.07
C SER E 83 -2.46 -19.17 0.62
N SER E 84 -3.11 -20.08 -0.11
CA SER E 84 -3.38 -21.43 0.37
C SER E 84 -2.34 -22.45 -0.10
N LEU E 85 -1.57 -22.08 -1.12
CA LEU E 85 -0.60 -22.97 -1.72
C LEU E 85 0.82 -22.49 -1.43
N TRP E 86 1.77 -23.41 -1.52
CA TRP E 86 3.16 -23.01 -1.55
C TRP E 86 3.42 -22.54 -2.97
N VAL E 87 4.15 -21.44 -3.08
CA VAL E 87 4.44 -20.78 -4.35
C VAL E 87 5.95 -20.56 -4.40
N PRO E 88 6.58 -20.77 -5.56
CA PRO E 88 8.01 -20.54 -5.63
C PRO E 88 8.38 -19.09 -5.34
N ASP E 89 9.48 -18.88 -4.61
CA ASP E 89 9.92 -17.54 -4.25
C ASP E 89 10.74 -16.93 -5.38
N LEU E 90 10.09 -16.74 -6.52
CA LEU E 90 10.75 -16.22 -7.71
C LEU E 90 10.93 -14.71 -7.63
N ALA E 91 12.12 -14.25 -8.00
CA ALA E 91 12.41 -12.83 -8.08
C ALA E 91 13.10 -12.53 -9.40
N ALA E 92 12.88 -11.32 -9.90
CA ALA E 92 13.65 -10.80 -11.05
C ALA E 92 14.92 -10.11 -10.53
N TYR E 93 16.08 -10.69 -10.84
CA TYR E 93 17.35 -10.23 -10.26
C TYR E 93 17.71 -8.79 -10.61
N ASN E 94 17.35 -8.35 -11.82
CA ASN E 94 17.62 -6.98 -12.24
C ASN E 94 16.37 -6.12 -12.31
N ALA E 95 15.36 -6.47 -11.52
CA ALA E 95 14.18 -5.61 -11.34
C ALA E 95 14.52 -4.45 -10.41
N ILE E 96 14.05 -3.26 -10.74
CA ILE E 96 14.31 -2.06 -9.93
C ILE E 96 13.03 -1.53 -9.29
N SER E 97 11.94 -2.24 -9.51
CA SER E 97 10.66 -1.97 -8.85
C SER E 97 10.10 -3.28 -8.34
N LYS E 98 9.22 -3.23 -7.35
CA LYS E 98 8.45 -4.42 -6.95
C LYS E 98 7.57 -4.84 -8.12
N PRO E 99 7.26 -6.14 -8.21
CA PRO E 99 6.35 -6.59 -9.26
C PRO E 99 4.93 -6.14 -8.95
N GLU E 100 4.35 -5.38 -9.85
CA GLU E 100 2.96 -4.96 -9.72
C GLU E 100 2.12 -6.05 -10.40
N VAL E 101 1.54 -6.93 -9.58
CA VAL E 101 0.66 -7.99 -10.07
C VAL E 101 -0.68 -7.34 -10.42
N LEU E 102 -1.11 -7.48 -11.67
CA LEU E 102 -2.27 -6.76 -12.18
C LEU E 102 -3.55 -7.58 -12.15
N THR E 103 -3.40 -8.88 -11.87
CA THR E 103 -4.50 -9.82 -11.99
C THR E 103 -4.82 -10.45 -10.63
N PRO E 104 -6.05 -10.98 -10.49
CA PRO E 104 -6.43 -11.79 -9.33
C PRO E 104 -5.35 -12.81 -9.00
N GLN E 105 -4.97 -12.88 -7.73
CA GLN E 105 -3.90 -13.79 -7.30
C GLN E 105 -4.44 -15.18 -6.96
N LEU E 106 -4.88 -15.89 -8.00
CA LEU E 106 -5.39 -17.25 -7.88
C LEU E 106 -4.60 -18.16 -8.80
N ALA E 107 -4.17 -19.31 -8.27
CA ALA E 107 -3.49 -20.33 -9.07
C ALA E 107 -4.48 -21.39 -9.50
N ARG E 108 -4.05 -22.27 -10.37
CA ARG E 108 -4.90 -23.30 -10.95
C ARG E 108 -4.29 -24.65 -10.62
N VAL E 109 -4.98 -25.42 -9.78
CA VAL E 109 -4.47 -26.72 -9.33
C VAL E 109 -5.25 -27.83 -10.02
N VAL E 110 -4.51 -28.80 -10.56
CA VAL E 110 -5.09 -29.97 -11.22
C VAL E 110 -5.09 -31.15 -10.25
N SER E 111 -6.01 -32.10 -10.45
CA SER E 111 -6.19 -33.24 -9.55
C SER E 111 -4.92 -34.09 -9.30
N ASP E 112 -4.00 -34.10 -10.26
CA ASP E 112 -2.74 -34.82 -10.09
C ASP E 112 -1.70 -34.09 -9.22
N GLY E 113 -1.95 -32.83 -8.89
CA GLY E 113 -1.03 -32.02 -8.08
C GLY E 113 -0.33 -30.92 -8.84
N GLU E 114 -0.51 -30.86 -10.16
CA GLU E 114 0.12 -29.82 -10.98
C GLU E 114 -0.53 -28.46 -10.69
N VAL E 115 0.31 -27.48 -10.39
CA VAL E 115 -0.14 -26.12 -10.08
C VAL E 115 0.31 -25.19 -11.22
N LEU E 116 -0.57 -24.28 -11.61
CA LEU E 116 -0.30 -23.32 -12.67
C LEU E 116 -0.63 -21.92 -12.17
N TYR E 117 0.35 -21.03 -12.16
CA TYR E 117 0.12 -19.64 -11.76
C TYR E 117 0.67 -18.70 -12.82
N MET E 118 -0.24 -17.98 -13.49
CA MET E 118 0.12 -17.06 -14.55
C MET E 118 -0.40 -15.65 -14.25
N PRO E 119 0.33 -14.90 -13.42
CA PRO E 119 0.00 -13.50 -13.18
C PRO E 119 0.52 -12.53 -14.25
N SER E 120 -0.31 -11.56 -14.63
CA SER E 120 0.16 -10.41 -15.39
C SER E 120 0.90 -9.52 -14.41
N ILE E 121 2.13 -9.15 -14.76
CA ILE E 121 2.97 -8.35 -13.89
C ILE E 121 3.53 -7.15 -14.64
N ARG E 122 3.51 -5.98 -14.01
CA ARG E 122 4.19 -4.80 -14.52
C ARG E 122 5.40 -4.54 -13.63
N GLN E 123 6.57 -4.37 -14.25
CA GLN E 123 7.82 -4.23 -13.50
C GLN E 123 8.91 -3.48 -14.28
N ARG E 124 9.71 -2.70 -13.56
CA ARG E 124 10.80 -1.94 -14.17
CA ARG E 124 10.81 -1.95 -14.18
C ARG E 124 12.14 -2.66 -14.00
N PHE E 125 12.93 -2.70 -15.06
CA PHE E 125 14.19 -3.44 -15.08
C PHE E 125 15.38 -2.59 -15.45
N SER E 126 16.55 -2.96 -14.92
CA SER E 126 17.83 -2.41 -15.34
C SER E 126 18.44 -3.36 -16.35
N CYS E 127 18.47 -2.94 -17.61
CA CYS E 127 18.96 -3.80 -18.67
C CYS E 127 19.44 -2.97 -19.86
N ASP E 128 20.01 -3.65 -20.85
CA ASP E 128 20.59 -2.99 -22.02
C ASP E 128 19.53 -2.46 -22.99
N VAL E 129 19.29 -1.16 -22.94
CA VAL E 129 18.37 -0.48 -23.84
C VAL E 129 19.11 0.11 -25.05
N SER E 130 20.44 0.00 -25.09
CA SER E 130 21.20 0.57 -26.19
C SER E 130 20.68 0.05 -27.54
N GLY E 131 20.46 0.98 -28.46
CA GLY E 131 20.04 0.62 -29.82
C GLY E 131 18.55 0.47 -30.02
N VAL E 132 17.75 0.71 -28.98
CA VAL E 132 16.28 0.60 -29.06
C VAL E 132 15.67 1.31 -30.28
N ASP E 133 16.21 2.49 -30.62
CA ASP E 133 15.71 3.24 -31.77
C ASP E 133 16.42 2.90 -33.09
N THR E 134 17.24 1.84 -33.09
CA THR E 134 17.91 1.37 -34.30
C THR E 134 17.10 0.25 -34.96
N GLU E 135 17.58 -0.20 -36.12
CA GLU E 135 16.89 -1.23 -36.90
C GLU E 135 16.98 -2.61 -36.23
N SER E 136 18.14 -2.92 -35.67
CA SER E 136 18.36 -4.18 -34.98
C SER E 136 17.90 -4.14 -33.52
N GLY E 137 17.61 -2.95 -33.02
CA GLY E 137 16.97 -2.78 -31.71
C GLY E 137 17.90 -2.95 -30.52
N ALA E 138 17.29 -3.06 -29.34
CA ALA E 138 18.02 -3.36 -28.11
C ALA E 138 17.75 -4.80 -27.70
N THR E 139 18.59 -5.34 -26.81
CA THR E 139 18.37 -6.66 -26.23
C THR E 139 18.38 -6.55 -24.69
N CYS E 140 17.19 -6.53 -24.11
CA CYS E 140 17.04 -6.43 -22.66
C CYS E 140 16.95 -7.83 -22.05
N ARG E 141 17.93 -8.16 -21.23
CA ARG E 141 18.01 -9.47 -20.58
CA ARG E 141 17.99 -9.48 -20.59
C ARG E 141 17.41 -9.43 -19.18
N ILE E 142 16.34 -10.19 -18.96
CA ILE E 142 15.69 -10.28 -17.65
C ILE E 142 16.00 -11.63 -17.01
N LYS E 143 16.54 -11.59 -15.79
CA LYS E 143 16.96 -12.80 -15.07
C LYS E 143 16.03 -13.10 -13.91
N ILE E 144 15.32 -14.23 -14.00
CA ILE E 144 14.36 -14.65 -12.97
C ILE E 144 14.72 -16.02 -12.42
N GLY E 145 14.78 -16.11 -11.09
CA GLY E 145 14.97 -17.38 -10.41
C GLY E 145 14.58 -17.33 -8.95
N SER E 146 14.59 -18.48 -8.29
CA SER E 146 14.36 -18.56 -6.86
C SER E 146 15.29 -17.59 -6.11
N TRP E 147 14.80 -16.98 -5.04
CA TRP E 147 15.59 -16.03 -4.27
C TRP E 147 16.35 -16.72 -3.14
N THR E 148 15.70 -17.65 -2.42
CA THR E 148 16.32 -18.34 -1.26
C THR E 148 16.58 -19.85 -1.41
N HIS E 149 16.11 -20.49 -2.47
CA HIS E 149 16.36 -21.92 -2.71
C HIS E 149 17.38 -22.19 -3.80
N HIS E 150 18.43 -22.93 -3.45
CA HIS E 150 19.48 -23.31 -4.39
C HIS E 150 19.07 -24.49 -5.28
N SER E 151 19.95 -24.93 -6.17
CA SER E 151 19.60 -25.88 -7.24
C SER E 151 19.16 -27.26 -6.77
N ARG E 152 19.51 -27.63 -5.53
CA ARG E 152 19.05 -28.87 -4.92
C ARG E 152 17.68 -28.75 -4.26
N GLU E 153 17.06 -27.58 -4.37
CA GLU E 153 15.73 -27.36 -3.80
C GLU E 153 14.74 -26.89 -4.86
N ILE E 154 15.10 -25.84 -5.58
CA ILE E 154 14.31 -25.43 -6.74
C ILE E 154 15.20 -25.45 -7.95
N SER E 155 14.75 -26.11 -9.00
CA SER E 155 15.39 -26.03 -10.29
C SER E 155 14.40 -25.34 -11.22
N VAL E 156 14.79 -24.20 -11.77
CA VAL E 156 13.97 -23.52 -12.78
C VAL E 156 14.42 -23.95 -14.16
N ASP E 157 13.49 -23.88 -15.10
CA ASP E 157 13.77 -24.22 -16.47
C ASP E 157 12.74 -23.59 -17.41
N PRO E 158 13.20 -23.06 -18.49
CA PRO E 158 12.30 -22.50 -19.48
C PRO E 158 11.60 -23.62 -20.16
N THR E 159 10.31 -23.50 -20.34
CA THR E 159 9.58 -24.50 -21.05
C THR E 159 9.94 -24.42 -22.51
N THR E 160 10.86 -25.25 -22.94
CA THR E 160 11.31 -25.14 -24.32
C THR E 160 10.15 -25.19 -25.26
N GLU E 161 9.05 -24.59 -24.88
CA GLU E 161 7.89 -24.59 -25.74
C GLU E 161 7.53 -23.21 -26.20
N ASN E 162 7.84 -22.95 -27.46
CA ASN E 162 7.35 -21.81 -28.23
C ASN E 162 6.23 -22.42 -29.05
N SER E 163 5.05 -21.82 -29.16
CA SER E 163 4.66 -20.48 -28.77
C SER E 163 5.57 -19.40 -29.27
N ASP E 164 5.15 -18.74 -30.35
CA ASP E 164 5.88 -17.62 -30.87
C ASP E 164 4.96 -16.50 -31.35
N ASP E 165 5.14 -15.27 -30.87
CA ASP E 165 5.79 -14.87 -29.62
C ASP E 165 5.79 -13.34 -29.49
N SER E 166 4.98 -12.74 -30.34
CA SER E 166 4.51 -11.42 -30.16
C SER E 166 3.02 -11.66 -30.28
N GLU E 167 2.60 -12.80 -29.78
CA GLU E 167 1.25 -13.31 -29.97
C GLU E 167 0.24 -12.56 -29.11
N TYR E 168 0.61 -12.31 -27.86
CA TYR E 168 -0.22 -11.54 -26.93
C TYR E 168 0.37 -10.15 -26.67
N PHE E 169 1.37 -9.77 -27.47
CA PHE E 169 1.97 -8.46 -27.36
C PHE E 169 1.05 -7.41 -27.97
N SER E 170 0.87 -6.29 -27.28
CA SER E 170 -0.06 -5.27 -27.71
C SER E 170 0.39 -4.68 -29.03
N GLN E 171 -0.49 -4.74 -30.03
CA GLN E 171 -0.24 -4.08 -31.29
C GLN E 171 -0.23 -2.56 -31.16
N TYR E 172 -0.77 -2.05 -30.05
CA TYR E 172 -0.86 -0.61 -29.81
C TYR E 172 0.36 -0.04 -29.09
N SER E 173 1.34 -0.88 -28.79
CA SER E 173 2.59 -0.42 -28.18
C SER E 173 3.40 0.45 -29.13
N ARG E 174 4.24 1.30 -28.55
CA ARG E 174 5.18 2.11 -29.32
C ARG E 174 6.31 1.27 -29.90
N PHE E 175 6.56 0.10 -29.30
CA PHE E 175 7.65 -0.76 -29.70
C PHE E 175 7.12 -2.08 -30.24
N GLU E 176 8.02 -2.91 -30.74
CA GLU E 176 7.68 -4.22 -31.26
C GLU E 176 8.78 -5.20 -30.90
N ILE E 177 8.45 -6.49 -30.94
CA ILE E 177 9.40 -7.54 -30.60
C ILE E 177 10.00 -8.12 -31.87
N LEU E 178 11.29 -8.36 -31.83
CA LEU E 178 12.00 -9.01 -32.93
C LEU E 178 12.28 -10.47 -32.59
N ASP E 179 12.66 -10.73 -31.33
CA ASP E 179 12.94 -12.08 -30.87
C ASP E 179 12.93 -12.14 -29.34
N VAL E 180 12.26 -13.15 -28.80
CA VAL E 180 12.41 -13.53 -27.40
C VAL E 180 13.07 -14.91 -27.37
N THR E 181 14.14 -15.04 -26.58
CA THR E 181 14.76 -16.33 -26.34
C THR E 181 14.93 -16.51 -24.85
N GLN E 182 14.63 -17.71 -24.38
CA GLN E 182 14.60 -18.02 -22.95
C GLN E 182 15.50 -19.23 -22.68
N LYS E 183 16.79 -18.95 -22.43
CA LYS E 183 17.74 -19.99 -22.02
C LYS E 183 17.87 -20.06 -20.50
N LYS E 184 18.50 -21.12 -20.02
CA LYS E 184 18.62 -21.41 -18.60
C LYS E 184 20.03 -21.08 -18.13
N ASN E 185 20.18 -20.86 -16.84
CA ASN E 185 21.48 -20.46 -16.28
C ASN E 185 21.62 -20.93 -14.84
N SER E 186 22.83 -20.81 -14.29
CA SER E 186 23.12 -21.32 -12.94
C SER E 186 24.20 -20.50 -12.21
N VAL E 187 23.77 -19.40 -11.60
CA VAL E 187 24.65 -18.43 -10.94
C VAL E 187 25.12 -18.93 -9.57
N THR E 188 26.35 -18.58 -9.21
CA THR E 188 26.96 -18.95 -7.93
C THR E 188 27.65 -17.71 -7.33
N TYR E 189 27.85 -17.71 -6.01
CA TYR E 189 28.42 -16.53 -5.32
C TYR E 189 29.67 -16.84 -4.49
N SER E 190 30.38 -15.78 -4.09
CA SER E 190 31.63 -15.90 -3.33
C SER E 190 31.42 -16.27 -1.85
N CYS E 191 30.23 -15.98 -1.31
CA CYS E 191 29.88 -16.38 0.06
C CYS E 191 30.00 -17.89 0.23
N CYS E 192 29.26 -18.62 -0.61
CA CYS E 192 28.94 -20.03 -0.35
C CYS E 192 28.93 -20.86 -1.65
N PRO E 193 29.16 -22.19 -1.53
CA PRO E 193 29.24 -23.07 -2.68
C PRO E 193 27.91 -23.74 -2.95
N GLU E 194 26.96 -22.97 -3.46
CA GLU E 194 25.64 -23.47 -3.82
C GLU E 194 25.05 -22.59 -4.92
N ALA E 195 24.60 -23.24 -6.00
CA ALA E 195 24.22 -22.55 -7.22
C ALA E 195 22.71 -22.34 -7.32
N TYR E 196 22.31 -21.13 -7.66
CA TYR E 196 20.90 -20.79 -7.78
C TYR E 196 20.55 -20.73 -9.26
N GLU E 197 19.63 -21.59 -9.68
CA GLU E 197 19.23 -21.62 -11.07
C GLU E 197 18.32 -20.45 -11.38
N ASP E 198 18.48 -19.89 -12.58
CA ASP E 198 17.59 -18.85 -13.06
C ASP E 198 17.27 -19.09 -14.53
N VAL E 199 16.25 -18.38 -15.00
CA VAL E 199 15.94 -18.30 -16.42
C VAL E 199 16.26 -16.89 -16.89
N GLU E 200 16.89 -16.81 -18.05
CA GLU E 200 17.33 -15.56 -18.64
C GLU E 200 16.51 -15.30 -19.90
N VAL E 201 15.67 -14.27 -19.87
CA VAL E 201 14.81 -13.92 -20.99
C VAL E 201 15.38 -12.71 -21.74
N SER E 202 15.95 -12.97 -22.90
CA SER E 202 16.48 -11.92 -23.77
C SER E 202 15.35 -11.36 -24.62
N LEU E 203 14.96 -10.12 -24.35
CA LEU E 203 13.94 -9.44 -25.13
C LEU E 203 14.58 -8.52 -26.18
N ASN E 204 14.54 -8.93 -27.44
CA ASN E 204 14.99 -8.06 -28.54
C ASN E 204 13.84 -7.22 -29.06
N PHE E 205 13.89 -5.91 -28.81
CA PHE E 205 12.82 -5.00 -29.22
C PHE E 205 13.37 -3.67 -29.77
N ARG E 206 12.47 -2.87 -30.36
CA ARG E 206 12.84 -1.60 -30.96
C ARG E 206 11.62 -0.70 -31.13
N LYS E 207 11.83 0.61 -31.20
CA LYS E 207 10.75 1.54 -31.52
C LYS E 207 10.36 1.33 -32.96
N LYS E 208 9.05 1.37 -33.23
CA LYS E 208 8.52 1.06 -34.56
C LYS E 208 8.96 2.04 -35.64
N GLY E 209 8.65 3.32 -35.45
CA GLY E 209 8.81 4.31 -36.50
C GLY E 209 8.01 3.94 -37.75
N ARG E 210 8.49 4.41 -38.90
CA ARG E 210 7.93 4.06 -40.21
C ARG E 210 9.04 3.79 -41.24
N SER E 211 8.63 3.25 -42.40
CA SER E 211 9.55 2.96 -43.50
C SER E 211 8.76 2.67 -44.78
N CT4 F . 17.65 6.40 19.07
C CT4 F . 17.83 7.62 19.59
N1 CT4 F . 18.16 8.63 18.80
N2 CT4 F . 17.58 7.67 20.93
C1 CT4 F . 17.31 5.25 19.89
C2 CT4 F . 15.85 5.09 19.87
C3 CT4 F . 18.52 8.48 17.39
S CT4 F . 14.95 4.47 21.20
C4 CT4 F . 13.52 4.66 20.26
N4 CT4 F . 13.66 5.12 19.08
C5 CT4 F . 15.01 5.37 18.86
CL CT4 F . 12.00 4.22 20.91
N5 CT4 F . 17.71 8.82 21.59
O1 CT4 F . 17.44 8.78 22.80
O2 CT4 F . 18.11 9.87 21.06
N CT4 G . -11.48 17.00 16.70
C CT4 G . -11.57 18.08 15.93
N1 CT4 G . -10.46 18.62 15.42
N2 CT4 G . -12.86 18.50 15.78
C1 CT4 G . -12.64 16.34 17.26
C2 CT4 G . -12.74 15.00 16.65
C3 CT4 G . -9.13 18.10 15.63
S CT4 G . -13.70 13.74 17.32
C4 CT4 G . -13.15 12.72 16.04
N4 CT4 G . -12.33 13.24 15.19
C5 CT4 G . -12.10 14.54 15.56
CL CT4 G . -13.66 11.09 15.95
N5 CT4 G . -13.14 19.57 15.04
O1 CT4 G . -14.34 19.92 14.94
O2 CT4 G . -12.25 20.21 14.45
N CT4 H . -25.13 2.50 -7.23
C CT4 H . -25.39 2.61 -8.54
N1 CT4 H . -24.65 3.43 -9.29
N2 CT4 H . -26.39 1.85 -9.04
C1 CT4 H . -25.88 1.63 -6.37
C2 CT4 H . -25.08 0.48 -6.02
C3 CT4 H . -23.50 4.13 -8.74
S CT4 H . -25.76 -1.06 -5.72
C4 CT4 H . -24.18 -1.69 -5.56
N4 CT4 H . -23.22 -0.85 -5.68
C5 CT4 H . -23.75 0.39 -5.95
CL CT4 H . -23.94 -3.36 -5.34
N5 CT4 H . -26.67 1.94 -10.33
O1 CT4 H . -27.58 1.20 -10.70
O2 CT4 H . -26.14 2.70 -11.14
N CT4 I . -5.10 -17.45 -19.16
C CT4 I . -4.07 -17.65 -19.99
N1 CT4 I . -3.62 -16.63 -20.69
N2 CT4 I . -3.50 -18.87 -19.97
C1 CT4 I . -5.68 -18.52 -18.39
C2 CT4 I . -5.05 -18.58 -17.11
C3 CT4 I . -4.21 -15.30 -20.62
S CT4 I . -4.80 -20.05 -16.28
C4 CT4 I . -4.18 -19.14 -14.97
N4 CT4 I . -4.16 -17.88 -15.10
C5 CT4 I . -4.64 -17.56 -16.34
CL CT4 I . -3.59 -19.95 -13.57
N5 CT4 I . -2.52 -19.15 -20.77
O1 CT4 I . -2.05 -20.28 -20.63
O2 CT4 I . -2.12 -18.42 -21.68
N CT4 J . 21.43 -15.46 -2.83
C CT4 J . 22.58 -14.78 -2.84
N1 CT4 J . 22.74 -13.81 -3.73
N2 CT4 J . 23.51 -15.19 -1.96
C1 CT4 J . 21.14 -16.52 -1.90
C2 CT4 J . 20.32 -16.01 -0.81
C3 CT4 J . 21.71 -13.45 -4.68
S CT4 J . 20.43 -16.60 0.80
C4 CT4 J . 19.12 -15.59 1.21
N4 CT4 J . 18.63 -14.87 0.28
C5 CT4 J . 19.32 -15.11 -0.87
CL CT4 J . 18.50 -15.60 2.80
N5 CT4 J . 24.67 -14.59 -1.85
O1 CT4 J . 25.46 -15.08 -1.03
O2 CT4 J . 24.94 -13.54 -2.42
#